data_4K8P
#
_entry.id   4K8P
#
_cell.length_a   51.429
_cell.length_b   80.818
_cell.length_c   82.591
_cell.angle_alpha   90.000
_cell.angle_beta   97.850
_cell.angle_gamma   90.000
#
_symmetry.space_group_name_H-M   'P 1 21 1'
#
loop_
_entity.id
_entity.type
_entity.pdbx_description
1 polymer 'sugar kinase'
2 non-polymer ADENOSINE
3 non-polymer (2-ETHYLPHENYL)METHANOL
4 non-polymer 'DIMETHYL SULFOXIDE'
5 non-polymer 'POTASSIUM ION'
6 water water
#
_entity_poly.entity_id   1
_entity_poly.type   'polypeptide(L)'
_entity_poly.pdbx_seq_one_letter_code
;(MSE)HHHHHHSSGVDLGTENLYFQS(MSE)TRFDVLTVGNAIVDIISRCNDQFLIDNQITKAA(MSE)NLIDAERAELL
YSR(MSE)GPALEASGGSAGNTAAGVANLGGKAAYFGNVAADQLGDIFTHDIRAQGVHYQTKPKGAFPPTARS(MSE)IF
VTEDGERS(MSE)NTYLGACVELGPEDVEADVVADAKVTYFEGYLWDPPRAKEAILDCARIAHQHGRE(MSE)S(MSE)T
LSDSFCVDRYRGEFLDL(MSE)RSGKVDIVFANRQEALSLYQTDDFEEALNRIAADCKIAAVT(MSE)SENGAVILKGRE
RYYVNAIRIREVVDTTGAGDLFASGFLYGYTQGRSLEDCGKLGCLAAGIVIQQIGPRP(MSE)TSLSEAAKQAGLI
;
_entity_poly.pdbx_strand_id   A,B
#
loop_
_chem_comp.id
_chem_comp.type
_chem_comp.name
_chem_comp.formula
12M non-polymer (2-ETHYLPHENYL)METHANOL 'C9 H12 O'
ADN non-polymer ADENOSINE 'C10 H13 N5 O4'
DMS non-polymer 'DIMETHYL SULFOXIDE' 'C2 H6 O S'
K non-polymer 'POTASSIUM ION' 'K 1'
#
# COMPACT_ATOMS: atom_id res chain seq x y z
N GLN A 21 -10.71 16.49 -37.63
CA GLN A 21 -9.48 16.41 -36.90
C GLN A 21 -9.09 14.92 -36.85
N SER A 22 -10.00 14.07 -36.41
CA SER A 22 -9.80 12.64 -36.55
C SER A 22 -8.48 12.12 -35.95
N MSE A 23 -7.77 12.95 -35.21
CA MSE A 23 -6.88 12.52 -34.16
C MSE A 23 -7.32 13.23 -32.91
O MSE A 23 -7.55 14.42 -32.92
CB MSE A 23 -5.43 12.82 -34.37
CG MSE A 23 -4.77 11.64 -35.03
SE MSE A 23 -2.87 12.01 -35.27
CE MSE A 23 -2.92 13.85 -35.85
N THR A 24 -7.44 12.48 -31.84
CA THR A 24 -7.95 13.02 -30.59
C THR A 24 -6.90 12.70 -29.53
N ARG A 25 -6.53 13.70 -28.75
CA ARG A 25 -5.50 13.46 -27.76
CA ARG A 25 -5.51 13.48 -27.73
C ARG A 25 -5.87 12.35 -26.79
N PHE A 26 -7.16 12.31 -26.41
CA PHE A 26 -7.64 11.37 -25.39
C PHE A 26 -8.84 10.55 -25.82
N ASP A 27 -8.84 9.29 -25.40
CA ASP A 27 -10.00 8.43 -25.52
C ASP A 27 -10.99 8.73 -24.41
N VAL A 28 -10.49 8.79 -23.18
CA VAL A 28 -11.35 8.95 -22.00
C VAL A 28 -10.77 9.97 -21.03
N LEU A 29 -11.52 11.05 -20.78
CA LEU A 29 -11.25 11.94 -19.67
C LEU A 29 -12.16 11.49 -18.54
N THR A 30 -11.58 11.31 -17.37
CA THR A 30 -12.42 11.09 -16.18
C THR A 30 -12.30 12.21 -15.17
N VAL A 31 -13.35 12.40 -14.39
CA VAL A 31 -13.40 13.50 -13.41
C VAL A 31 -13.99 12.95 -12.12
N GLY A 32 -13.31 13.22 -11.02
CA GLY A 32 -13.70 12.66 -9.74
C GLY A 32 -13.00 13.23 -8.51
N ASN A 33 -13.40 12.69 -7.36
CA ASN A 33 -12.78 12.97 -6.09
C ASN A 33 -11.40 12.28 -6.00
N ALA A 34 -10.35 13.08 -5.94
CA ALA A 34 -8.98 12.56 -5.88
C ALA A 34 -8.68 12.09 -4.46
N ILE A 35 -8.51 10.78 -4.30
CA ILE A 35 -8.45 10.14 -2.98
C ILE A 35 -7.30 9.14 -2.88
N VAL A 36 -6.61 9.12 -1.73
CA VAL A 36 -5.67 8.05 -1.41
C VAL A 36 -6.37 7.09 -0.47
N ASP A 37 -6.33 5.79 -0.78
CA ASP A 37 -6.96 4.77 0.05
C ASP A 37 -6.03 4.30 1.16
N ILE A 38 -6.62 4.05 2.33
CA ILE A 38 -5.93 3.51 3.51
C ILE A 38 -6.69 2.22 3.79
N ILE A 39 -6.04 1.08 3.53
CA ILE A 39 -6.73 -0.21 3.41
C ILE A 39 -6.33 -1.16 4.54
N SER A 40 -7.33 -1.77 5.18
CA SER A 40 -7.09 -2.74 6.25
C SER A 40 -8.16 -3.82 6.24
N ARG A 41 -7.85 -4.94 6.81
CA ARG A 41 -8.83 -5.98 7.01
C ARG A 41 -9.48 -5.81 8.35
N CYS A 42 -10.74 -6.13 8.42
CA CYS A 42 -11.44 -6.18 9.72
C CYS A 42 -12.43 -7.34 9.78
N ASN A 43 -12.83 -7.72 11.01
CA ASN A 43 -13.90 -8.68 11.18
C ASN A 43 -15.25 -7.98 11.04
N ASP A 44 -16.33 -8.75 10.94
CA ASP A 44 -17.60 -8.09 10.68
CA ASP A 44 -17.69 -8.25 10.74
C ASP A 44 -18.14 -7.34 11.87
N GLN A 45 -17.73 -7.71 13.09
CA GLN A 45 -18.12 -6.96 14.28
C GLN A 45 -17.54 -5.55 14.29
N PHE A 46 -16.36 -5.37 13.70
CA PHE A 46 -15.76 -4.03 13.64
C PHE A 46 -16.71 -3.02 12.98
N LEU A 47 -17.34 -3.43 11.88
CA LEU A 47 -18.27 -2.56 11.17
C LEU A 47 -19.45 -2.17 12.04
N ILE A 48 -20.02 -3.16 12.73
CA ILE A 48 -21.15 -2.96 13.66
C ILE A 48 -20.76 -2.05 14.81
N ASP A 49 -19.64 -2.36 15.48
CA ASP A 49 -19.17 -1.56 16.61
C ASP A 49 -18.94 -0.09 16.23
N ASN A 50 -18.54 0.17 14.98
CA ASN A 50 -18.19 1.53 14.56
C ASN A 50 -19.27 2.21 13.71
N GLN A 51 -20.41 1.52 13.58
CA GLN A 51 -21.56 2.04 12.83
C GLN A 51 -21.21 2.43 11.38
N ILE A 52 -20.45 1.55 10.71
CA ILE A 52 -20.03 1.74 9.33
C ILE A 52 -20.98 0.91 8.49
N THR A 53 -21.62 1.55 7.50
CA THR A 53 -22.54 0.84 6.61
C THR A 53 -21.73 -0.04 5.67
N LYS A 54 -21.97 -1.35 5.75
CA LYS A 54 -21.22 -2.31 4.98
C LYS A 54 -21.44 -2.13 3.48
N ALA A 55 -20.34 -2.25 2.73
CA ALA A 55 -20.36 -2.20 1.27
C ALA A 55 -20.63 -0.81 0.65
N ALA A 56 -20.72 0.22 1.50
CA ALA A 56 -21.09 1.56 1.07
C ALA A 56 -19.94 2.55 1.24
N MSE A 57 -20.13 3.72 0.65
CA MSE A 57 -19.23 4.87 0.80
C MSE A 57 -19.85 5.71 1.90
O MSE A 57 -20.96 6.27 1.73
CB MSE A 57 -19.09 5.61 -0.54
CG MSE A 57 -17.90 6.54 -0.57
SE MSE A 57 -18.27 8.19 0.43
CE MSE A 57 -19.73 8.90 -0.66
N ASN A 58 -19.15 5.77 3.03
CA ASN A 58 -19.58 6.51 4.21
C ASN A 58 -18.78 7.81 4.29
N LEU A 59 -19.44 8.96 4.16
CA LEU A 59 -18.75 10.26 4.26
C LEU A 59 -18.47 10.56 5.72
N ILE A 60 -17.28 11.09 6.00
CA ILE A 60 -16.90 11.38 7.39
C ILE A 60 -16.20 12.74 7.46
N ASP A 61 -16.30 13.40 8.62
CA ASP A 61 -15.57 14.64 8.82
C ASP A 61 -14.16 14.34 9.35
N ALA A 62 -13.40 15.40 9.60
CA ALA A 62 -12.02 15.30 10.08
C ALA A 62 -11.92 14.59 11.41
N GLU A 63 -12.76 15.01 12.36
CA GLU A 63 -12.77 14.42 13.69
C GLU A 63 -13.02 12.91 13.62
N ARG A 64 -14.03 12.52 12.83
CA ARG A 64 -14.35 11.11 12.66
C ARG A 64 -13.22 10.35 11.96
N ALA A 65 -12.58 10.98 10.98
CA ALA A 65 -11.46 10.36 10.29
C ALA A 65 -10.37 9.97 11.29
N GLU A 66 -10.03 10.91 12.18
CA GLU A 66 -9.05 10.66 13.24
C GLU A 66 -9.46 9.54 14.20
N LEU A 67 -10.73 9.54 14.62
CA LEU A 67 -11.25 8.47 15.48
C LEU A 67 -11.11 7.10 14.81
N LEU A 68 -11.62 6.99 13.59
CA LEU A 68 -11.61 5.70 12.91
C LEU A 68 -10.21 5.22 12.64
N TYR A 69 -9.34 6.17 12.25
CA TYR A 69 -7.95 5.81 12.02
C TYR A 69 -7.32 5.26 13.29
N SER A 70 -7.65 5.87 14.42
CA SER A 70 -7.10 5.43 15.71
C SER A 70 -7.52 4.01 16.08
N ARG A 71 -8.67 3.58 15.55
CA ARG A 71 -9.17 2.23 15.80
C ARG A 71 -8.80 1.21 14.73
N MSE A 72 -8.26 1.69 13.61
CA MSE A 72 -7.88 0.84 12.49
C MSE A 72 -6.59 0.14 12.75
O MSE A 72 -5.67 0.71 13.35
CB MSE A 72 -7.72 1.75 11.27
CG MSE A 72 -7.66 0.93 9.99
SE MSE A 72 -7.45 2.25 8.56
CE MSE A 72 -8.41 1.30 7.14
N GLY A 73 -6.49 -1.10 12.29
CA GLY A 73 -5.26 -1.85 12.34
C GLY A 73 -4.19 -1.31 11.40
N PRO A 74 -3.02 -1.98 11.36
CA PRO A 74 -1.99 -1.58 10.39
C PRO A 74 -2.58 -1.58 8.99
N ALA A 75 -2.18 -0.60 8.21
CA ALA A 75 -2.79 -0.39 6.91
C ALA A 75 -1.78 -0.30 5.78
N LEU A 76 -2.31 -0.40 4.56
CA LEU A 76 -1.57 -0.19 3.33
CA LEU A 76 -1.56 -0.17 3.33
C LEU A 76 -2.18 1.03 2.64
N GLU A 77 -1.34 1.81 1.96
CA GLU A 77 -1.86 2.94 1.18
C GLU A 77 -1.68 2.73 -0.31
N ALA A 78 -2.69 3.13 -1.05
CA ALA A 78 -2.73 3.02 -2.50
C ALA A 78 -3.58 4.15 -3.05
N SER A 79 -3.12 4.80 -4.12
CA SER A 79 -3.98 5.77 -4.81
C SER A 79 -5.34 5.16 -5.21
N GLY A 80 -6.41 5.90 -4.92
CA GLY A 80 -7.76 5.51 -5.23
C GLY A 80 -8.52 6.58 -5.98
N GLY A 81 -9.78 6.78 -5.60
CA GLY A 81 -10.69 7.65 -6.34
C GLY A 81 -11.36 6.84 -7.44
N SER A 82 -12.69 6.72 -7.41
CA SER A 82 -13.40 5.91 -8.41
CA SER A 82 -13.37 5.90 -8.41
C SER A 82 -12.99 6.23 -9.84
N ALA A 83 -13.18 7.48 -10.26
CA ALA A 83 -12.79 7.91 -11.63
C ALA A 83 -11.28 7.88 -11.85
N GLY A 84 -10.51 8.08 -10.78
CA GLY A 84 -9.03 7.95 -10.85
C GLY A 84 -8.66 6.53 -11.27
N ASN A 85 -9.23 5.56 -10.57
CA ASN A 85 -9.08 4.14 -10.91
C ASN A 85 -9.50 3.83 -12.34
N THR A 86 -10.65 4.37 -12.74
CA THR A 86 -11.12 4.19 -14.11
C THR A 86 -10.14 4.73 -15.16
N ALA A 87 -9.61 5.94 -14.96
CA ALA A 87 -8.62 6.49 -15.89
C ALA A 87 -7.35 5.62 -15.95
N ALA A 88 -6.87 5.19 -14.78
CA ALA A 88 -5.68 4.37 -14.69
C ALA A 88 -5.94 3.07 -15.43
N GLY A 89 -7.14 2.53 -15.29
CA GLY A 89 -7.51 1.28 -15.98
C GLY A 89 -7.47 1.37 -17.50
N VAL A 90 -7.99 2.48 -18.03
CA VAL A 90 -8.04 2.73 -19.47
C VAL A 90 -6.60 2.82 -19.99
N ALA A 91 -5.75 3.52 -19.24
CA ALA A 91 -4.36 3.66 -19.64
C ALA A 91 -3.63 2.32 -19.59
N ASN A 92 -3.91 1.51 -18.57
CA ASN A 92 -3.35 0.16 -18.43
C ASN A 92 -3.71 -0.73 -19.63
N LEU A 93 -4.92 -0.57 -20.14
CA LEU A 93 -5.40 -1.33 -21.30
C LEU A 93 -4.73 -0.87 -22.59
N GLY A 94 -4.17 0.35 -22.58
CA GLY A 94 -3.48 0.91 -23.74
C GLY A 94 -4.14 2.12 -24.35
N GLY A 95 -5.29 2.54 -23.78
CA GLY A 95 -5.99 3.72 -24.25
C GLY A 95 -5.32 5.00 -23.75
N LYS A 96 -5.81 6.12 -24.24
CA LYS A 96 -5.26 7.43 -23.89
CA LYS A 96 -5.26 7.43 -23.87
C LYS A 96 -6.20 8.14 -22.92
N ALA A 97 -5.72 8.35 -21.69
CA ALA A 97 -6.56 8.87 -20.62
C ALA A 97 -6.06 10.16 -19.99
N ALA A 98 -7.01 10.94 -19.49
CA ALA A 98 -6.79 12.15 -18.73
C ALA A 98 -7.69 12.16 -17.49
N TYR A 99 -7.33 12.96 -16.49
CA TYR A 99 -8.06 13.03 -15.22
C TYR A 99 -8.11 14.45 -14.66
N PHE A 100 -9.29 14.86 -14.19
CA PHE A 100 -9.44 16.06 -13.37
C PHE A 100 -9.82 15.66 -11.95
N GLY A 101 -9.06 16.14 -10.97
CA GLY A 101 -9.39 15.87 -9.55
C GLY A 101 -8.41 16.65 -8.71
N ASN A 102 -8.88 17.13 -7.56
CA ASN A 102 -8.09 18.08 -6.80
C ASN A 102 -7.51 17.50 -5.51
N VAL A 103 -6.19 17.55 -5.41
CA VAL A 103 -5.44 17.18 -4.20
C VAL A 103 -4.90 18.42 -3.51
N ALA A 104 -4.32 18.23 -2.32
CA ALA A 104 -3.60 19.29 -1.64
C ALA A 104 -2.09 19.18 -1.92
N ALA A 105 -1.38 20.26 -1.63
CA ALA A 105 0.07 20.30 -1.70
C ALA A 105 0.65 19.65 -0.44
N ASP A 106 0.52 18.32 -0.36
CA ASP A 106 1.07 17.56 0.75
C ASP A 106 1.54 16.20 0.23
N GLN A 107 2.01 15.32 1.12
CA GLN A 107 2.62 14.05 0.70
C GLN A 107 1.62 13.09 0.07
N LEU A 108 0.41 13.02 0.64
CA LEU A 108 -0.66 12.22 0.03
C LEU A 108 -1.01 12.72 -1.37
N GLY A 109 -1.07 14.04 -1.54
CA GLY A 109 -1.29 14.63 -2.87
C GLY A 109 -0.17 14.30 -3.84
N ASP A 110 1.07 14.31 -3.34
CA ASP A 110 2.24 13.92 -4.16
C ASP A 110 2.16 12.46 -4.60
N ILE A 111 1.75 11.60 -3.68
CA ILE A 111 1.56 10.17 -3.99
C ILE A 111 0.50 10.00 -5.06
N PHE A 112 -0.67 10.63 -4.84
CA PHE A 112 -1.73 10.58 -5.83
C PHE A 112 -1.25 11.06 -7.20
N THR A 113 -0.59 12.21 -7.22
CA THR A 113 -0.13 12.79 -8.46
C THR A 113 0.85 11.84 -9.16
N HIS A 114 1.82 11.32 -8.41
CA HIS A 114 2.77 10.37 -8.97
C HIS A 114 2.07 9.15 -9.60
N ASP A 115 1.19 8.50 -8.84
CA ASP A 115 0.65 7.21 -9.27
C ASP A 115 -0.15 7.32 -10.56
N ILE A 116 -1.00 8.32 -10.65
CA ILE A 116 -1.84 8.46 -11.84
C ILE A 116 -1.01 8.88 -13.07
N ARG A 117 -0.10 9.83 -12.90
CA ARG A 117 0.82 10.20 -13.98
C ARG A 117 1.74 9.04 -14.39
N ALA A 118 2.21 8.23 -13.44
CA ALA A 118 3.13 7.12 -13.75
C ALA A 118 2.46 6.02 -14.55
N GLN A 119 1.12 6.01 -14.51
CA GLN A 119 0.32 5.09 -15.33
C GLN A 119 0.16 5.63 -16.76
N GLY A 120 0.61 6.86 -16.99
CA GLY A 120 0.52 7.49 -18.31
C GLY A 120 -0.75 8.28 -18.54
N VAL A 121 -1.45 8.63 -17.46
CA VAL A 121 -2.66 9.48 -17.50
C VAL A 121 -2.25 10.96 -17.40
N HIS A 122 -2.85 11.79 -18.24
CA HIS A 122 -2.66 13.25 -18.22
C HIS A 122 -3.33 13.74 -16.95
N TYR A 123 -2.53 14.26 -16.03
CA TYR A 123 -3.08 14.84 -14.80
C TYR A 123 -2.38 16.16 -14.43
N GLN A 124 -3.16 17.24 -14.48
CA GLN A 124 -2.62 18.60 -14.42
CA GLN A 124 -2.60 18.58 -14.39
C GLN A 124 -3.38 19.53 -13.48
N THR A 125 -4.32 18.97 -12.72
CA THR A 125 -5.10 19.78 -11.78
C THR A 125 -4.18 20.27 -10.66
N LYS A 126 -4.14 21.59 -10.49
CA LYS A 126 -3.19 22.21 -9.57
C LYS A 126 -3.74 22.27 -8.16
N PRO A 127 -2.96 21.80 -7.17
CA PRO A 127 -3.30 21.97 -5.76
C PRO A 127 -3.41 23.47 -5.44
N LYS A 128 -4.30 23.82 -4.51
CA LYS A 128 -4.57 25.23 -4.17
C LYS A 128 -3.85 25.70 -2.91
N GLY A 129 -3.21 24.76 -2.22
CA GLY A 129 -2.54 24.99 -0.94
C GLY A 129 -2.53 23.68 -0.17
N ALA A 130 -2.01 23.71 1.06
CA ALA A 130 -1.95 22.50 1.88
C ALA A 130 -3.25 22.17 2.63
N PHE A 131 -4.18 23.12 2.70
CA PHE A 131 -5.37 22.97 3.53
C PHE A 131 -6.64 23.43 2.82
N PRO A 132 -7.70 22.59 2.83
CA PRO A 132 -7.79 21.25 3.44
C PRO A 132 -6.83 20.24 2.83
N PRO A 133 -6.42 19.21 3.61
CA PRO A 133 -5.45 18.23 3.09
C PRO A 133 -6.07 17.26 2.09
N THR A 134 -5.22 16.47 1.43
CA THR A 134 -5.65 15.55 0.39
C THR A 134 -6.63 14.52 0.97
N ALA A 135 -7.67 14.23 0.19
CA ALA A 135 -8.70 13.31 0.59
C ALA A 135 -8.14 11.93 0.87
N ARG A 136 -8.71 11.27 1.87
CA ARG A 136 -8.41 9.86 2.09
C ARG A 136 -9.66 9.07 2.44
N SER A 137 -9.62 7.78 2.09
CA SER A 137 -10.70 6.88 2.41
C SER A 137 -10.16 5.66 3.14
N MSE A 138 -10.62 5.45 4.37
CA MSE A 138 -10.31 4.24 5.13
C MSE A 138 -11.24 3.16 4.65
O MSE A 138 -12.46 3.26 4.80
CB MSE A 138 -10.43 4.51 6.62
CG MSE A 138 -9.16 5.25 6.99
SE MSE A 138 -9.43 5.88 8.81
CE MSE A 138 -10.81 7.24 8.49
N ILE A 139 -10.64 2.14 4.03
CA ILE A 139 -11.40 1.06 3.43
C ILE A 139 -11.14 -0.21 4.23
N PHE A 140 -12.23 -0.72 4.80
CA PHE A 140 -12.18 -1.93 5.58
C PHE A 140 -12.70 -3.08 4.75
N VAL A 141 -11.86 -4.09 4.60
CA VAL A 141 -12.20 -5.27 3.82
C VAL A 141 -12.51 -6.40 4.77
N THR A 142 -13.72 -6.95 4.65
CA THR A 142 -14.16 -8.05 5.51
C THR A 142 -13.77 -9.39 4.88
N GLU A 143 -13.96 -10.48 5.63
CA GLU A 143 -13.53 -11.84 5.22
C GLU A 143 -14.14 -12.30 3.90
N ASP A 144 -15.36 -11.82 3.61
CA ASP A 144 -16.04 -12.08 2.35
C ASP A 144 -15.51 -11.26 1.16
N GLY A 145 -14.51 -10.41 1.41
CA GLY A 145 -13.90 -9.60 0.37
C GLY A 145 -14.62 -8.28 0.09
N GLU A 146 -15.73 -8.06 0.80
CA GLU A 146 -16.49 -6.82 0.66
C GLU A 146 -15.71 -5.66 1.25
N ARG A 147 -15.83 -4.56 0.62
CA ARG A 147 -15.15 -3.32 1.11
CA ARG A 147 -15.14 -3.31 1.09
C ARG A 147 -16.18 -2.11 1.58
N SER A 148 -15.86 -1.58 2.74
CA SER A 148 -16.70 -0.54 3.30
C SER A 148 -15.81 0.68 3.48
N MSE A 149 -16.16 1.78 2.81
CA MSE A 149 -15.24 2.93 2.66
C MSE A 149 -15.69 4.05 3.56
O MSE A 149 -16.88 4.27 3.74
CB MSE A 149 -15.25 3.43 1.23
CG MSE A 149 -15.10 2.21 0.34
SE MSE A 149 -14.58 2.76 -1.46
CE MSE A 149 -16.28 3.54 -2.02
N ASN A 150 -14.71 4.78 4.12
CA ASN A 150 -14.98 5.90 5.03
C ASN A 150 -14.15 7.08 4.61
N THR A 151 -14.81 8.04 3.98
CA THR A 151 -14.12 9.01 3.14
C THR A 151 -14.19 10.41 3.69
N TYR A 152 -13.00 10.98 3.93
CA TYR A 152 -12.86 12.38 4.26
C TYR A 152 -12.48 13.12 2.97
N LEU A 153 -13.34 14.02 2.52
CA LEU A 153 -13.16 14.62 1.19
C LEU A 153 -12.01 15.65 1.11
N GLY A 154 -11.67 16.27 2.24
CA GLY A 154 -10.55 17.22 2.26
C GLY A 154 -10.55 18.14 1.05
N ALA A 155 -9.41 18.18 0.35
CA ALA A 155 -9.19 19.04 -0.81
C ALA A 155 -10.17 18.84 -1.98
N CYS A 156 -10.85 17.68 -2.03
CA CYS A 156 -11.92 17.48 -3.02
C CYS A 156 -13.03 18.54 -3.02
N VAL A 157 -13.24 19.20 -1.87
CA VAL A 157 -14.30 20.22 -1.78
C VAL A 157 -13.95 21.46 -2.61
N GLU A 158 -12.68 21.58 -2.98
CA GLU A 158 -12.23 22.74 -3.75
C GLU A 158 -12.33 22.62 -5.28
N LEU A 159 -12.62 21.42 -5.79
CA LEU A 159 -12.76 21.22 -7.24
C LEU A 159 -13.91 22.07 -7.76
N GLY A 160 -13.64 22.86 -8.78
CA GLY A 160 -14.66 23.74 -9.34
C GLY A 160 -14.46 23.96 -10.84
N PRO A 161 -15.29 24.83 -11.45
CA PRO A 161 -15.17 25.16 -12.87
C PRO A 161 -13.77 25.63 -13.26
N GLU A 162 -13.03 26.20 -12.31
CA GLU A 162 -11.68 26.71 -12.60
C GLU A 162 -10.71 25.57 -12.96
N ASP A 163 -11.09 24.34 -12.61
CA ASP A 163 -10.25 23.18 -12.84
C ASP A 163 -10.53 22.47 -14.14
N VAL A 164 -11.50 22.98 -14.90
CA VAL A 164 -11.84 22.39 -16.17
C VAL A 164 -10.85 22.86 -17.24
N GLU A 165 -10.08 21.91 -17.80
CA GLU A 165 -9.15 22.20 -18.88
C GLU A 165 -9.97 22.01 -20.16
N ALA A 166 -10.51 23.12 -20.66
CA ALA A 166 -11.47 23.11 -21.76
C ALA A 166 -10.97 22.37 -23.01
N ASP A 167 -9.69 22.55 -23.32
CA ASP A 167 -9.08 21.91 -24.48
CA ASP A 167 -9.07 21.91 -24.48
C ASP A 167 -8.98 20.39 -24.31
N VAL A 168 -8.82 19.93 -23.07
CA VAL A 168 -8.77 18.50 -22.78
C VAL A 168 -10.16 17.89 -23.00
N VAL A 169 -11.20 18.52 -22.46
CA VAL A 169 -12.57 18.05 -22.68
C VAL A 169 -12.85 18.01 -24.19
N ALA A 170 -12.54 19.11 -24.88
CA ALA A 170 -12.81 19.22 -26.32
C ALA A 170 -12.12 18.11 -27.11
N ASP A 171 -10.99 17.63 -26.59
CA ASP A 171 -10.17 16.63 -27.29
C ASP A 171 -10.32 15.22 -26.74
N ALA A 172 -11.33 14.98 -25.91
CA ALA A 172 -11.57 13.63 -25.41
C ALA A 172 -12.85 13.04 -26.00
N LYS A 173 -12.74 11.79 -26.42
CA LYS A 173 -13.89 11.10 -27.04
C LYS A 173 -15.04 10.94 -26.04
N VAL A 174 -14.68 10.71 -24.79
CA VAL A 174 -15.66 10.47 -23.73
C VAL A 174 -15.17 11.17 -22.49
N THR A 175 -16.04 11.98 -21.89
CA THR A 175 -15.80 12.46 -20.53
C THR A 175 -16.73 11.72 -19.58
N TYR A 176 -16.12 11.10 -18.57
CA TYR A 176 -16.83 10.24 -17.61
C TYR A 176 -16.62 10.82 -16.23
N PHE A 177 -17.68 10.82 -15.42
CA PHE A 177 -17.59 11.39 -14.10
C PHE A 177 -18.36 10.59 -13.05
N GLU A 178 -18.03 10.83 -11.79
CA GLU A 178 -18.68 10.14 -10.68
C GLU A 178 -19.92 10.87 -10.20
N GLY A 179 -20.99 10.11 -9.96
CA GLY A 179 -22.08 10.58 -9.08
C GLY A 179 -21.58 11.12 -7.74
N TYR A 180 -20.47 10.57 -7.26
CA TYR A 180 -19.85 10.99 -5.99
C TYR A 180 -19.54 12.50 -6.01
N LEU A 181 -19.40 13.07 -7.20
CA LEU A 181 -19.09 14.50 -7.33
C LEU A 181 -20.18 15.44 -6.84
N TRP A 182 -21.39 14.91 -6.64
CA TRP A 182 -22.50 15.72 -6.12
C TRP A 182 -22.42 16.04 -4.62
N ASP A 183 -21.53 15.35 -3.91
CA ASP A 183 -21.28 15.64 -2.50
C ASP A 183 -20.50 16.94 -2.22
N PRO A 184 -19.29 17.11 -2.84
CA PRO A 184 -18.61 18.42 -2.71
C PRO A 184 -19.46 19.55 -3.30
N PRO A 185 -19.19 20.81 -2.91
CA PRO A 185 -20.12 21.89 -3.26
C PRO A 185 -20.17 22.36 -4.72
N ARG A 186 -19.01 22.50 -5.35
CA ARG A 186 -18.93 23.15 -6.66
CA ARG A 186 -18.91 23.16 -6.67
C ARG A 186 -18.53 22.22 -7.81
N ALA A 187 -18.26 20.96 -7.51
CA ALA A 187 -17.85 20.00 -8.55
C ALA A 187 -18.89 19.89 -9.67
N LYS A 188 -20.17 19.94 -9.30
CA LYS A 188 -21.23 19.81 -10.28
C LYS A 188 -21.19 20.91 -11.34
N GLU A 189 -20.80 22.11 -10.92
CA GLU A 189 -20.61 23.23 -11.84
C GLU A 189 -19.54 22.91 -12.87
N ALA A 190 -18.45 22.27 -12.44
CA ALA A 190 -17.40 21.83 -13.37
C ALA A 190 -17.95 20.81 -14.37
N ILE A 191 -18.76 19.87 -13.87
CA ILE A 191 -19.37 18.85 -14.73
C ILE A 191 -20.30 19.43 -15.81
N LEU A 192 -21.11 20.42 -15.41
CA LEU A 192 -21.97 21.11 -16.38
C LEU A 192 -21.17 21.82 -17.48
N ASP A 193 -20.05 22.44 -17.10
CA ASP A 193 -19.12 23.02 -18.06
C ASP A 193 -18.52 21.96 -19.00
N CYS A 194 -18.10 20.83 -18.43
CA CYS A 194 -17.64 19.67 -19.22
C CYS A 194 -18.68 19.18 -20.23
N ALA A 195 -19.92 19.01 -19.77
CA ALA A 195 -21.01 18.53 -20.64
C ALA A 195 -21.24 19.44 -21.84
N ARG A 196 -21.19 20.74 -21.62
CA ARG A 196 -21.37 21.73 -22.68
C ARG A 196 -20.23 21.63 -23.69
N ILE A 197 -18.99 21.60 -23.18
CA ILE A 197 -17.81 21.60 -24.04
C ILE A 197 -17.75 20.30 -24.84
N ALA A 198 -17.95 19.17 -24.18
CA ALA A 198 -17.94 17.87 -24.85
C ALA A 198 -18.93 17.82 -26.01
N HIS A 199 -20.19 18.17 -25.74
CA HIS A 199 -21.23 18.07 -26.76
C HIS A 199 -21.10 19.08 -27.89
N GLN A 200 -20.56 20.25 -27.59
CA GLN A 200 -20.31 21.26 -28.62
C GLN A 200 -19.20 20.80 -29.58
N HIS A 201 -18.36 19.88 -29.10
CA HIS A 201 -17.31 19.27 -29.91
C HIS A 201 -17.66 17.85 -30.34
N GLY A 202 -18.93 17.48 -30.23
CA GLY A 202 -19.40 16.18 -30.71
C GLY A 202 -18.93 14.96 -29.94
N ARG A 203 -18.47 15.17 -28.71
CA ARG A 203 -18.01 14.09 -27.84
C ARG A 203 -19.18 13.51 -27.03
N GLU A 204 -18.90 12.52 -26.18
CA GLU A 204 -19.93 11.85 -25.38
C GLU A 204 -19.65 11.97 -23.91
N MSE A 205 -20.72 12.10 -23.13
CA MSE A 205 -20.65 12.21 -21.68
C MSE A 205 -21.13 10.93 -21.05
O MSE A 205 -22.10 10.32 -21.52
CB MSE A 205 -21.56 13.32 -21.20
CG MSE A 205 -21.10 14.72 -21.62
SE MSE A 205 -19.40 15.25 -20.79
CE MSE A 205 -19.87 14.98 -18.89
N SER A 206 -20.46 10.53 -19.98
CA SER A 206 -20.80 9.30 -19.28
C SER A 206 -20.70 9.53 -17.77
N MSE A 207 -21.55 8.84 -17.01
CA MSE A 207 -21.41 8.85 -15.55
C MSE A 207 -21.62 7.50 -14.94
O MSE A 207 -22.21 6.59 -15.55
CB MSE A 207 -22.37 9.89 -14.95
CG MSE A 207 -23.73 9.28 -14.67
SE MSE A 207 -24.88 10.64 -13.84
CE MSE A 207 -24.07 10.64 -12.04
N THR A 208 -21.13 7.37 -13.71
CA THR A 208 -21.45 6.24 -12.87
C THR A 208 -22.29 6.74 -11.72
N LEU A 209 -23.27 5.93 -11.33
CA LEU A 209 -24.16 6.25 -10.22
C LEU A 209 -23.45 6.11 -8.87
N SER A 210 -22.26 5.51 -8.90
CA SER A 210 -21.32 5.46 -7.79
C SER A 210 -21.66 4.56 -6.61
N ASP A 211 -22.84 4.75 -6.04
CA ASP A 211 -23.15 4.17 -4.74
C ASP A 211 -24.63 4.38 -4.50
N SER A 212 -25.30 3.37 -3.95
CA SER A 212 -26.76 3.44 -3.78
C SER A 212 -27.24 4.55 -2.86
N PHE A 213 -26.44 4.85 -1.83
CA PHE A 213 -26.77 5.97 -0.93
C PHE A 213 -26.54 7.29 -1.61
N CYS A 214 -25.53 7.35 -2.47
CA CYS A 214 -25.28 8.54 -3.29
C CYS A 214 -26.47 8.76 -4.21
N VAL A 215 -26.97 7.66 -4.81
CA VAL A 215 -28.22 7.73 -5.57
C VAL A 215 -29.39 8.23 -4.69
N ASP A 216 -29.55 7.71 -3.46
CA ASP A 216 -30.59 8.24 -2.53
C ASP A 216 -30.47 9.77 -2.40
N ARG A 217 -29.24 10.28 -2.28
CA ARG A 217 -29.04 11.70 -2.05
C ARG A 217 -29.37 12.58 -3.26
N TYR A 218 -29.12 12.09 -4.48
CA TYR A 218 -29.13 12.94 -5.69
C TYR A 218 -29.96 12.38 -6.84
N ARG A 219 -30.92 11.52 -6.48
CA ARG A 219 -31.78 10.82 -7.42
CA ARG A 219 -31.77 10.82 -7.43
C ARG A 219 -32.35 11.74 -8.51
N GLY A 220 -33.05 12.79 -8.08
CA GLY A 220 -33.66 13.75 -9.00
C GLY A 220 -32.64 14.39 -9.93
N GLU A 221 -31.47 14.73 -9.38
CA GLU A 221 -30.42 15.40 -10.13
CA GLU A 221 -30.42 15.40 -10.14
C GLU A 221 -29.83 14.47 -11.19
N PHE A 222 -29.59 13.22 -10.80
CA PHE A 222 -29.06 12.23 -11.72
C PHE A 222 -30.05 11.95 -12.85
N LEU A 223 -31.33 11.77 -12.55
CA LEU A 223 -32.33 11.56 -13.60
C LEU A 223 -32.40 12.75 -14.56
N ASP A 224 -32.29 13.96 -14.02
CA ASP A 224 -32.27 15.18 -14.82
C ASP A 224 -31.09 15.22 -15.79
N LEU A 225 -29.92 14.81 -15.32
CA LEU A 225 -28.73 14.73 -16.18
C LEU A 225 -28.95 13.80 -17.37
N MSE A 226 -29.60 12.66 -17.10
CA MSE A 226 -29.85 11.67 -18.15
C MSE A 226 -30.93 12.14 -19.11
O MSE A 226 -30.72 12.17 -20.33
CB MSE A 226 -30.23 10.33 -17.54
CG MSE A 226 -29.08 9.76 -16.70
SE MSE A 226 -29.77 8.46 -15.40
CE MSE A 226 -30.31 7.02 -16.62
N ARG A 227 -32.08 12.54 -18.56
CA ARG A 227 -33.21 12.97 -19.40
C ARG A 227 -33.00 14.26 -20.19
N SER A 228 -32.14 15.16 -19.70
CA SER A 228 -31.80 16.40 -20.41
C SER A 228 -30.72 16.19 -21.50
N GLY A 229 -30.09 15.02 -21.48
CA GLY A 229 -29.10 14.68 -22.50
C GLY A 229 -27.68 15.08 -22.17
N LYS A 230 -27.48 15.56 -20.94
CA LYS A 230 -26.15 15.97 -20.49
C LYS A 230 -25.24 14.76 -20.29
N VAL A 231 -25.85 13.61 -20.01
CA VAL A 231 -25.17 12.30 -19.92
C VAL A 231 -25.71 11.35 -20.99
N ASP A 232 -24.81 10.72 -21.74
CA ASP A 232 -25.18 9.76 -22.79
C ASP A 232 -25.05 8.29 -22.39
N ILE A 233 -24.01 7.97 -21.61
CA ILE A 233 -23.77 6.59 -21.17
C ILE A 233 -23.75 6.54 -19.64
N VAL A 234 -24.57 5.66 -19.06
CA VAL A 234 -24.67 5.53 -17.60
CA VAL A 234 -24.66 5.54 -17.61
C VAL A 234 -24.20 4.16 -17.13
N PHE A 235 -23.39 4.14 -16.08
CA PHE A 235 -22.93 2.90 -15.46
C PHE A 235 -23.63 2.77 -14.11
N ALA A 236 -24.06 1.55 -13.80
CA ALA A 236 -24.77 1.27 -12.55
C ALA A 236 -24.51 -0.19 -12.18
N ASN A 237 -24.55 -0.50 -10.88
CA ASN A 237 -24.67 -1.88 -10.46
C ASN A 237 -26.16 -2.13 -10.11
N ARG A 238 -26.50 -3.36 -9.74
CA ARG A 238 -27.88 -3.73 -9.44
C ARG A 238 -28.52 -2.81 -8.38
N GLN A 239 -27.82 -2.62 -7.26
CA GLN A 239 -28.29 -1.82 -6.13
CA GLN A 239 -28.38 -1.85 -6.15
C GLN A 239 -28.58 -0.38 -6.54
N GLU A 240 -27.65 0.19 -7.29
CA GLU A 240 -27.79 1.56 -7.78
C GLU A 240 -28.98 1.73 -8.73
N ALA A 241 -29.20 0.74 -9.59
CA ALA A 241 -30.32 0.77 -10.53
C ALA A 241 -31.64 0.70 -9.78
N LEU A 242 -31.71 -0.21 -8.81
CA LEU A 242 -32.87 -0.30 -7.92
C LEU A 242 -33.14 1.00 -7.16
N SER A 243 -32.07 1.62 -6.65
N SER A 243 -32.08 1.63 -6.65
CA SER A 243 -32.17 2.88 -5.90
CA SER A 243 -32.18 2.88 -5.89
C SER A 243 -32.65 4.03 -6.77
C SER A 243 -32.62 4.05 -6.76
N LEU A 244 -32.21 4.06 -8.02
CA LEU A 244 -32.55 5.14 -8.94
C LEU A 244 -34.05 5.26 -9.17
N TYR A 245 -34.75 4.12 -9.15
CA TYR A 245 -36.20 4.14 -9.33
C TYR A 245 -36.98 3.75 -8.07
N GLN A 246 -36.27 3.54 -6.97
CA GLN A 246 -36.84 3.16 -5.67
C GLN A 246 -37.74 1.94 -5.80
N THR A 247 -37.22 0.94 -6.50
CA THR A 247 -37.96 -0.27 -6.80
C THR A 247 -37.18 -1.50 -6.31
N ASP A 248 -37.89 -2.57 -6.02
CA ASP A 248 -37.25 -3.86 -5.76
C ASP A 248 -37.35 -4.76 -7.00
N ASP A 249 -37.88 -4.20 -8.08
CA ASP A 249 -38.10 -4.94 -9.32
C ASP A 249 -36.98 -4.63 -10.31
N PHE A 250 -36.00 -5.53 -10.42
CA PHE A 250 -34.83 -5.32 -11.28
C PHE A 250 -35.19 -5.17 -12.76
N GLU A 251 -36.20 -5.92 -13.21
CA GLU A 251 -36.67 -5.82 -14.59
C GLU A 251 -37.20 -4.44 -14.93
N GLU A 252 -37.96 -3.85 -13.99
CA GLU A 252 -38.45 -2.49 -14.13
C GLU A 252 -37.29 -1.49 -14.19
N ALA A 253 -36.33 -1.63 -13.28
CA ALA A 253 -35.14 -0.76 -13.27
C ALA A 253 -34.41 -0.79 -14.63
N LEU A 254 -34.27 -1.98 -15.21
CA LEU A 254 -33.62 -2.09 -16.51
C LEU A 254 -34.43 -1.39 -17.62
N ASN A 255 -35.75 -1.61 -17.62
CA ASN A 255 -36.61 -0.99 -18.63
C ASN A 255 -36.59 0.53 -18.50
N ARG A 256 -36.62 1.02 -17.27
CA ARG A 256 -36.68 2.46 -17.02
C ARG A 256 -35.34 3.13 -17.37
N ILE A 257 -34.23 2.51 -16.96
CA ILE A 257 -32.90 3.07 -17.22
C ILE A 257 -32.60 3.11 -18.73
N ALA A 258 -33.11 2.13 -19.46
CA ALA A 258 -32.94 2.11 -20.92
C ALA A 258 -33.74 3.26 -21.55
N ALA A 259 -34.84 3.65 -20.89
CA ALA A 259 -35.66 4.74 -21.38
C ALA A 259 -35.04 6.11 -21.11
N ASP A 260 -34.20 6.18 -20.07
CA ASP A 260 -33.68 7.46 -19.56
C ASP A 260 -32.30 7.89 -20.10
N CYS A 261 -31.58 6.96 -20.77
CA CYS A 261 -30.25 7.26 -21.28
CA CYS A 261 -30.22 7.22 -21.25
C CYS A 261 -29.98 6.49 -22.58
N LYS A 262 -29.05 6.99 -23.38
CA LYS A 262 -28.78 6.38 -24.70
C LYS A 262 -28.23 4.96 -24.57
N ILE A 263 -27.25 4.83 -23.68
CA ILE A 263 -26.63 3.55 -23.36
C ILE A 263 -26.52 3.41 -21.84
N ALA A 264 -26.89 2.24 -21.33
CA ALA A 264 -26.71 1.91 -19.93
C ALA A 264 -25.90 0.62 -19.80
N ALA A 265 -24.96 0.62 -18.87
CA ALA A 265 -24.21 -0.58 -18.55
C ALA A 265 -24.48 -0.94 -17.10
N VAL A 266 -25.17 -2.04 -16.91
CA VAL A 266 -25.57 -2.46 -15.59
C VAL A 266 -24.87 -3.71 -15.17
N THR A 267 -24.07 -3.61 -14.12
CA THR A 267 -23.35 -4.73 -13.60
C THR A 267 -24.14 -5.49 -12.55
N MSE A 268 -23.93 -6.80 -12.53
CA MSE A 268 -24.56 -7.67 -11.59
C MSE A 268 -23.64 -8.61 -10.85
O MSE A 268 -23.99 -9.77 -10.62
CB MSE A 268 -25.61 -8.47 -12.33
CG MSE A 268 -26.47 -7.54 -13.14
SE MSE A 268 -27.68 -8.54 -14.33
CE MSE A 268 -26.51 -9.28 -15.68
N SER A 269 -22.49 -8.09 -10.42
CA SER A 269 -21.51 -8.85 -9.69
C SER A 269 -21.17 -10.21 -10.32
N GLU A 270 -21.41 -11.31 -9.59
CA GLU A 270 -21.06 -12.64 -10.08
C GLU A 270 -21.95 -13.09 -11.25
N ASN A 271 -23.01 -12.34 -11.51
CA ASN A 271 -23.92 -12.62 -12.63
C ASN A 271 -23.56 -11.84 -13.90
N GLY A 272 -22.37 -11.25 -13.90
CA GLY A 272 -21.87 -10.51 -15.05
C GLY A 272 -22.48 -9.13 -15.18
N ALA A 273 -22.93 -8.81 -16.39
CA ALA A 273 -23.46 -7.48 -16.69
C ALA A 273 -24.41 -7.52 -17.88
N VAL A 274 -25.25 -6.49 -18.00
CA VAL A 274 -26.13 -6.32 -19.15
C VAL A 274 -25.97 -4.92 -19.72
N ILE A 275 -25.78 -4.85 -21.03
CA ILE A 275 -25.64 -3.57 -21.73
C ILE A 275 -26.94 -3.29 -22.45
N LEU A 276 -27.47 -2.09 -22.24
CA LEU A 276 -28.75 -1.72 -22.84
C LEU A 276 -28.62 -0.52 -23.75
N LYS A 277 -29.26 -0.59 -24.91
CA LYS A 277 -29.32 0.52 -25.84
C LYS A 277 -30.66 0.47 -26.54
N GLY A 278 -31.55 1.38 -26.16
CA GLY A 278 -32.91 1.38 -26.69
C GLY A 278 -33.61 0.09 -26.29
N ARG A 279 -33.82 -0.78 -27.27
CA ARG A 279 -34.51 -2.05 -27.06
C ARG A 279 -33.54 -3.24 -27.08
N GLU A 280 -32.30 -2.98 -27.49
CA GLU A 280 -31.24 -3.99 -27.48
C GLU A 280 -30.76 -4.29 -26.06
N ARG A 281 -30.48 -5.55 -25.77
CA ARG A 281 -29.84 -5.93 -24.53
C ARG A 281 -28.75 -6.89 -24.86
N TYR A 282 -27.62 -6.75 -24.20
CA TYR A 282 -26.47 -7.66 -24.37
C TYR A 282 -25.96 -8.17 -23.03
N TYR A 283 -26.14 -9.47 -22.80
CA TYR A 283 -25.70 -10.09 -21.57
C TYR A 283 -24.28 -10.60 -21.68
N VAL A 284 -23.47 -10.28 -20.68
CA VAL A 284 -22.08 -10.69 -20.60
C VAL A 284 -21.82 -11.40 -19.27
N ASN A 285 -21.20 -12.57 -19.33
CA ASN A 285 -20.86 -13.34 -18.13
C ASN A 285 -19.64 -12.78 -17.39
N ALA A 286 -19.63 -12.98 -16.07
CA ALA A 286 -18.47 -12.73 -15.24
C ALA A 286 -17.39 -13.76 -15.56
N ILE A 287 -16.13 -13.35 -15.43
CA ILE A 287 -15.01 -14.29 -15.61
C ILE A 287 -14.88 -15.18 -14.38
N ARG A 288 -14.28 -16.36 -14.56
CA ARG A 288 -13.98 -17.23 -13.44
C ARG A 288 -12.85 -16.61 -12.63
N ILE A 289 -12.97 -16.68 -11.31
CA ILE A 289 -12.00 -16.09 -10.40
C ILE A 289 -11.45 -17.13 -9.43
N ARG A 290 -10.23 -16.90 -8.95
CA ARG A 290 -9.64 -17.74 -7.92
C ARG A 290 -10.32 -17.51 -6.57
N GLU A 291 -10.41 -16.25 -6.17
CA GLU A 291 -10.93 -15.87 -4.86
C GLU A 291 -11.30 -14.39 -4.87
N VAL A 292 -12.42 -14.05 -4.22
CA VAL A 292 -12.76 -12.66 -3.98
C VAL A 292 -11.85 -12.17 -2.85
N VAL A 293 -10.73 -11.56 -3.22
CA VAL A 293 -9.76 -11.02 -2.27
C VAL A 293 -10.26 -9.69 -1.68
N ASP A 294 -10.64 -8.78 -2.58
CA ASP A 294 -11.00 -7.42 -2.23
C ASP A 294 -11.81 -6.84 -3.39
N THR A 295 -13.08 -6.53 -3.15
CA THR A 295 -13.95 -6.01 -4.22
C THR A 295 -13.70 -4.55 -4.62
N THR A 296 -12.82 -3.86 -3.90
CA THR A 296 -12.54 -2.44 -4.19
C THR A 296 -12.10 -2.24 -5.64
N GLY A 297 -12.81 -1.37 -6.35
CA GLY A 297 -12.43 -0.99 -7.71
C GLY A 297 -13.17 -1.74 -8.81
N ALA A 298 -13.94 -2.75 -8.42
CA ALA A 298 -14.63 -3.62 -9.40
C ALA A 298 -15.41 -2.81 -10.42
N GLY A 299 -16.29 -1.94 -9.92
CA GLY A 299 -17.11 -1.10 -10.78
C GLY A 299 -16.29 -0.13 -11.61
N ASP A 300 -15.24 0.40 -10.98
CA ASP A 300 -14.36 1.36 -11.64
C ASP A 300 -13.70 0.74 -12.85
N LEU A 301 -13.19 -0.48 -12.65
CA LEU A 301 -12.43 -1.19 -13.66
C LEU A 301 -13.34 -1.79 -14.73
N PHE A 302 -14.59 -2.12 -14.36
CA PHE A 302 -15.60 -2.47 -15.36
C PHE A 302 -15.74 -1.32 -16.36
N ALA A 303 -15.84 -0.09 -15.83
CA ALA A 303 -15.93 1.09 -16.67
C ALA A 303 -14.69 1.31 -17.53
N SER A 304 -13.51 1.01 -16.98
CA SER A 304 -12.26 1.09 -17.75
C SER A 304 -12.32 0.23 -18.99
N GLY A 305 -12.72 -1.04 -18.78
CA GLY A 305 -12.79 -2.02 -19.86
C GLY A 305 -13.87 -1.69 -20.87
N PHE A 306 -15.04 -1.31 -20.37
CA PHE A 306 -16.09 -0.84 -21.24
C PHE A 306 -15.66 0.38 -22.07
N LEU A 307 -15.15 1.42 -21.41
CA LEU A 307 -14.86 2.67 -22.11
C LEU A 307 -13.67 2.61 -23.04
N TYR A 308 -12.69 1.75 -22.71
CA TYR A 308 -11.60 1.41 -23.62
C TYR A 308 -12.17 0.73 -24.86
N GLY A 309 -12.96 -0.32 -24.66
CA GLY A 309 -13.62 -1.00 -25.78
C GLY A 309 -14.40 -0.04 -26.67
N TYR A 310 -15.20 0.82 -26.03
CA TYR A 310 -16.12 1.75 -26.69
C TYR A 310 -15.39 2.74 -27.60
N THR A 311 -14.31 3.32 -27.09
CA THR A 311 -13.52 4.32 -27.77
C THR A 311 -12.58 3.69 -28.81
N GLN A 312 -12.49 2.36 -28.81
CA GLN A 312 -11.80 1.60 -29.86
C GLN A 312 -12.77 1.03 -30.91
N GLY A 313 -14.00 1.55 -30.90
CA GLY A 313 -15.04 1.15 -31.86
C GLY A 313 -15.54 -0.27 -31.76
N ARG A 314 -15.31 -0.93 -30.62
CA ARG A 314 -15.71 -2.31 -30.42
C ARG A 314 -17.22 -2.38 -30.21
N SER A 315 -17.80 -3.55 -30.43
CA SER A 315 -19.23 -3.74 -30.25
C SER A 315 -19.61 -3.63 -28.77
N LEU A 316 -20.87 -3.31 -28.48
CA LEU A 316 -21.30 -3.19 -27.08
C LEU A 316 -21.06 -4.47 -26.25
N GLU A 317 -21.26 -5.63 -26.85
CA GLU A 317 -21.02 -6.90 -26.17
C GLU A 317 -19.54 -7.05 -25.79
N ASP A 318 -18.65 -6.78 -26.73
CA ASP A 318 -17.21 -6.84 -26.48
C ASP A 318 -16.77 -5.80 -25.43
N CYS A 319 -17.41 -4.64 -25.45
CA CYS A 319 -17.20 -3.63 -24.39
C CYS A 319 -17.54 -4.23 -23.00
N GLY A 320 -18.71 -4.89 -22.91
CA GLY A 320 -19.09 -5.62 -21.70
C GLY A 320 -18.08 -6.69 -21.30
N LYS A 321 -17.61 -7.49 -22.27
CA LYS A 321 -16.59 -8.52 -22.00
C LYS A 321 -15.28 -7.93 -21.48
N LEU A 322 -14.85 -6.83 -22.08
CA LEU A 322 -13.64 -6.12 -21.63
C LEU A 322 -13.82 -5.56 -20.20
N GLY A 323 -15.02 -5.06 -19.91
CA GLY A 323 -15.36 -4.62 -18.55
C GLY A 323 -15.27 -5.74 -17.54
N CYS A 324 -15.91 -6.87 -17.86
CA CYS A 324 -15.94 -8.00 -16.93
C CYS A 324 -14.56 -8.59 -16.69
N LEU A 325 -13.73 -8.61 -17.72
CA LEU A 325 -12.36 -9.04 -17.58
C LEU A 325 -11.61 -8.11 -16.62
N ALA A 326 -11.68 -6.80 -16.86
CA ALA A 326 -10.97 -5.85 -16.00
C ALA A 326 -11.46 -5.85 -14.54
N ALA A 327 -12.78 -5.93 -14.35
CA ALA A 327 -13.37 -6.09 -13.02
C ALA A 327 -12.92 -7.37 -12.30
N GLY A 328 -13.00 -8.51 -12.99
CA GLY A 328 -12.62 -9.79 -12.38
C GLY A 328 -11.16 -9.87 -11.98
N ILE A 329 -10.30 -9.17 -12.73
CA ILE A 329 -8.88 -9.07 -12.40
C ILE A 329 -8.68 -8.26 -11.11
N VAL A 330 -9.32 -7.09 -11.04
CA VAL A 330 -9.07 -6.21 -9.89
C VAL A 330 -9.54 -6.77 -8.54
N ILE A 331 -10.62 -7.55 -8.53
CA ILE A 331 -11.17 -8.14 -7.29
C ILE A 331 -10.35 -9.32 -6.72
N GLN A 332 -9.36 -9.77 -7.49
CA GLN A 332 -8.49 -10.86 -7.07
C GLN A 332 -7.17 -10.35 -6.48
N GLN A 333 -7.10 -9.04 -6.25
CA GLN A 333 -5.91 -8.40 -5.64
C GLN A 333 -6.32 -7.40 -4.57
N ILE A 334 -5.40 -7.08 -3.68
CA ILE A 334 -5.56 -5.97 -2.72
C ILE A 334 -5.31 -4.65 -3.44
N GLY A 335 -6.20 -3.68 -3.25
CA GLY A 335 -6.01 -2.35 -3.84
C GLY A 335 -6.85 -2.16 -5.09
N PRO A 336 -7.20 -0.91 -5.41
CA PRO A 336 -8.21 -0.59 -6.43
C PRO A 336 -7.71 -0.49 -7.87
N ARG A 337 -6.40 -0.53 -8.07
CA ARG A 337 -5.85 -0.42 -9.42
C ARG A 337 -5.02 -1.65 -9.74
N PRO A 338 -5.38 -2.39 -10.81
CA PRO A 338 -4.64 -3.60 -11.19
C PRO A 338 -3.13 -3.36 -11.27
N MSE A 339 -2.39 -4.20 -10.56
CA MSE A 339 -0.93 -4.13 -10.49
C MSE A 339 -0.29 -4.88 -11.64
O MSE A 339 0.93 -4.81 -11.82
CB MSE A 339 -0.49 -4.69 -9.14
CG MSE A 339 -1.14 -3.89 -8.02
SE MSE A 339 -0.53 -4.54 -6.27
CE MSE A 339 -1.65 -6.16 -6.12
N THR A 340 -1.11 -5.58 -12.42
CA THR A 340 -0.66 -6.37 -13.57
C THR A 340 -1.16 -5.76 -14.88
N SER A 341 -0.70 -6.32 -15.99
CA SER A 341 -1.04 -5.79 -17.31
C SER A 341 -2.41 -6.22 -17.83
N LEU A 342 -3.33 -5.27 -17.93
CA LEU A 342 -4.67 -5.52 -18.43
C LEU A 342 -4.69 -5.81 -19.93
N SER A 343 -3.83 -5.12 -20.69
CA SER A 343 -3.71 -5.34 -22.13
C SER A 343 -3.24 -6.77 -22.43
N GLU A 344 -2.21 -7.22 -21.70
CA GLU A 344 -1.71 -8.61 -21.79
C GLU A 344 -2.80 -9.61 -21.43
N ALA A 345 -3.54 -9.32 -20.36
CA ALA A 345 -4.66 -10.19 -19.97
C ALA A 345 -5.76 -10.20 -21.04
N ALA A 346 -6.03 -9.03 -21.62
CA ALA A 346 -7.03 -8.88 -22.69
C ALA A 346 -6.64 -9.67 -23.94
N LYS A 347 -5.36 -9.59 -24.30
CA LYS A 347 -4.80 -10.33 -25.43
C LYS A 347 -4.87 -11.83 -25.17
N GLN A 348 -4.47 -12.24 -23.97
CA GLN A 348 -4.49 -13.64 -23.55
C GLN A 348 -5.91 -14.21 -23.51
N ALA A 349 -6.88 -13.36 -23.17
CA ALA A 349 -8.29 -13.78 -23.10
C ALA A 349 -8.97 -13.73 -24.47
N GLY A 350 -8.24 -13.29 -25.50
CA GLY A 350 -8.75 -13.26 -26.87
C GLY A 350 -9.67 -12.09 -27.17
N LEU A 351 -9.60 -11.05 -26.34
CA LEU A 351 -10.40 -9.84 -26.59
C LEU A 351 -9.60 -8.82 -27.40
N ILE A 352 -8.28 -8.93 -27.31
CA ILE A 352 -7.31 -8.13 -28.08
C ILE A 352 -7.47 -6.63 -27.87
N GLN B 21 12.67 -7.27 39.54
CA GLN B 21 11.24 -7.20 39.32
C GLN B 21 10.61 -8.53 38.63
N SER B 22 11.39 -9.14 37.79
CA SER B 22 10.91 -10.27 36.97
C SER B 22 9.41 -10.26 36.49
N MSE B 23 8.81 -9.10 36.43
CA MSE B 23 7.79 -8.80 35.50
C MSE B 23 8.38 -7.65 34.76
O MSE B 23 8.48 -6.54 35.28
CB MSE B 23 6.50 -8.39 36.17
CG MSE B 23 5.49 -9.24 35.49
SE MSE B 23 3.70 -8.86 36.16
CE MSE B 23 4.07 -7.69 37.65
N THR B 24 8.67 -7.90 33.49
CA THR B 24 9.34 -6.93 32.62
C THR B 24 8.29 -6.38 31.61
N ARG B 25 8.31 -5.07 31.45
CA ARG B 25 7.37 -4.36 30.61
C ARG B 25 7.44 -4.86 29.16
N PHE B 26 8.66 -5.06 28.66
CA PHE B 26 8.84 -5.41 27.26
C PHE B 26 9.72 -6.63 27.07
N ASP B 27 9.36 -7.43 26.08
CA ASP B 27 10.23 -8.51 25.64
C ASP B 27 11.35 -7.99 24.75
N VAL B 28 11.00 -7.20 23.75
CA VAL B 28 11.93 -6.71 22.75
C VAL B 28 11.72 -5.22 22.48
N LEU B 29 12.80 -4.47 22.66
CA LEU B 29 12.88 -3.12 22.16
C LEU B 29 13.72 -3.19 20.90
N THR B 30 13.20 -2.61 19.82
CA THR B 30 14.02 -2.42 18.63
C THR B 30 14.31 -0.94 18.35
N VAL B 31 15.44 -0.68 17.69
CA VAL B 31 15.86 0.69 17.37
C VAL B 31 16.35 0.69 15.93
N GLY B 32 15.84 1.62 15.13
CA GLY B 32 16.21 1.68 13.73
C GLY B 32 15.77 2.95 13.02
N ASN B 33 16.06 3.00 11.72
CA ASN B 33 15.61 4.05 10.82
C ASN B 33 14.12 3.91 10.54
N ALA B 34 13.32 4.89 10.97
CA ALA B 34 11.89 4.86 10.75
C ALA B 34 11.58 5.27 9.31
N ILE B 35 11.07 4.32 8.52
CA ILE B 35 10.92 4.49 7.08
C ILE B 35 9.55 4.05 6.61
N VAL B 36 9.00 4.81 5.67
CA VAL B 36 7.84 4.37 4.88
C VAL B 36 8.31 3.83 3.54
N ASP B 37 7.89 2.61 3.19
CA ASP B 37 8.27 1.99 1.91
C ASP B 37 7.33 2.38 0.79
N ILE B 38 7.91 2.59 -0.38
CA ILE B 38 7.19 2.93 -1.61
C ILE B 38 7.55 1.81 -2.58
N ILE B 39 6.60 0.94 -2.86
CA ILE B 39 6.90 -0.36 -3.51
C ILE B 39 6.32 -0.47 -4.92
N SER B 40 7.15 -0.91 -5.85
CA SER B 40 6.73 -1.11 -7.23
C SER B 40 7.48 -2.28 -7.84
N ARG B 41 6.91 -2.85 -8.90
CA ARG B 41 7.59 -3.83 -9.75
C ARG B 41 8.42 -3.15 -10.87
N CYS B 42 9.51 -3.82 -11.23
CA CYS B 42 10.29 -3.41 -12.40
C CYS B 42 10.93 -4.61 -13.09
N ASN B 43 11.36 -4.40 -14.35
CA ASN B 43 12.19 -5.40 -15.02
C ASN B 43 13.65 -5.24 -14.60
N ASP B 44 14.37 -6.27 -14.87
CA ASP B 44 15.87 -6.11 -14.40
CA ASP B 44 15.78 -6.18 -14.62
C ASP B 44 16.72 -4.96 -15.12
N GLN B 45 16.29 -4.74 -16.37
CA GLN B 45 16.91 -3.66 -17.11
C GLN B 45 16.67 -2.33 -16.41
N PHE B 46 15.53 -2.15 -15.74
CA PHE B 46 15.31 -0.92 -14.99
C PHE B 46 16.44 -0.67 -13.98
N LEU B 47 16.85 -1.72 -13.26
CA LEU B 47 17.94 -1.60 -12.28
C LEU B 47 19.27 -1.20 -12.92
N ILE B 48 19.57 -1.79 -14.08
CA ILE B 48 20.79 -1.51 -14.83
C ILE B 48 20.76 -0.07 -15.33
N ASP B 49 19.67 0.30 -16.00
CA ASP B 49 19.49 1.65 -16.49
C ASP B 49 19.69 2.73 -15.43
N ASN B 50 19.24 2.47 -14.20
CA ASN B 50 19.29 3.46 -13.12
C ASN B 50 20.44 3.25 -12.13
N GLN B 51 21.35 2.33 -12.46
CA GLN B 51 22.53 2.04 -11.64
C GLN B 51 22.16 1.72 -10.17
N ILE B 52 21.07 0.98 -10.02
CA ILE B 52 20.62 0.49 -8.71
C ILE B 52 21.24 -0.86 -8.44
N THR B 53 21.94 -1.00 -7.31
CA THR B 53 22.54 -2.29 -6.93
C THR B 53 21.44 -3.28 -6.51
N LYS B 54 21.32 -4.37 -7.26
CA LYS B 54 20.24 -5.34 -7.03
C LYS B 54 20.38 -6.01 -5.67
N ALA B 55 19.24 -6.20 -4.99
CA ALA B 55 19.16 -6.88 -3.69
C ALA B 55 19.81 -6.14 -2.52
N ALA B 56 20.19 -4.87 -2.74
CA ALA B 56 20.88 -4.10 -1.72
C ALA B 56 20.09 -2.86 -1.28
N MSE B 57 20.57 -2.27 -0.18
CA MSE B 57 20.07 -0.99 0.30
C MSE B 57 21.00 0.05 -0.27
O MSE B 57 22.18 0.11 0.07
CB MSE B 57 20.14 -1.02 1.82
CG MSE B 57 19.23 0.02 2.47
SE MSE B 57 20.07 1.78 2.36
CE MSE B 57 21.59 1.53 3.58
N ASN B 58 20.45 0.88 -1.15
CA ASN B 58 21.17 1.94 -1.83
C ASN B 58 20.77 3.28 -1.21
N LEU B 59 21.69 3.94 -0.50
CA LEU B 59 21.41 5.28 0.04
C LEU B 59 21.32 6.34 -1.06
N ILE B 60 20.39 7.27 -0.93
CA ILE B 60 20.17 8.30 -1.94
C ILE B 60 19.92 9.65 -1.28
N ASP B 61 20.32 10.74 -1.94
CA ASP B 61 19.94 12.09 -1.46
C ASP B 61 18.55 12.52 -1.94
N ALA B 62 18.12 13.71 -1.55
CA ALA B 62 16.79 14.21 -1.87
C ALA B 62 16.59 14.31 -3.38
N GLU B 63 17.59 14.83 -4.09
CA GLU B 63 17.51 15.00 -5.54
C GLU B 63 17.34 13.65 -6.25
N ARG B 64 18.12 12.65 -5.83
CA ARG B 64 18.03 11.33 -6.45
C ARG B 64 16.69 10.69 -6.12
N ALA B 65 16.18 10.95 -4.90
CA ALA B 65 14.87 10.44 -4.53
C ALA B 65 13.78 10.96 -5.46
N GLU B 66 13.81 12.25 -5.75
CA GLU B 66 12.86 12.85 -6.70
C GLU B 66 13.00 12.22 -8.10
N LEU B 67 14.26 12.05 -8.53
CA LEU B 67 14.54 11.48 -9.85
C LEU B 67 14.01 10.06 -9.97
N LEU B 68 14.35 9.21 -9.01
CA LEU B 68 13.93 7.81 -9.06
C LEU B 68 12.42 7.71 -8.97
N TYR B 69 11.82 8.53 -8.13
CA TYR B 69 10.38 8.51 -8.00
C TYR B 69 9.73 8.88 -9.33
N SER B 70 10.31 9.85 -10.04
CA SER B 70 9.75 10.28 -11.33
C SER B 70 9.82 9.19 -12.39
N ARG B 71 10.72 8.23 -12.20
CA ARG B 71 10.88 7.10 -13.12
C ARG B 71 10.14 5.84 -12.70
N MSE B 72 9.64 5.82 -11.47
CA MSE B 72 9.00 4.65 -10.88
C MSE B 72 7.57 4.59 -11.35
O MSE B 72 6.95 5.62 -11.55
CB MSE B 72 9.02 4.82 -9.37
CG MSE B 72 8.49 3.58 -8.67
SE MSE B 72 8.61 3.93 -6.76
CE MSE B 72 9.26 2.17 -6.13
N GLY B 73 7.07 3.37 -11.52
CA GLY B 73 5.69 3.19 -11.95
C GLY B 73 4.76 3.44 -10.78
N PRO B 74 3.46 3.17 -10.98
CA PRO B 74 2.50 3.22 -9.86
C PRO B 74 2.97 2.36 -8.69
N ALA B 75 2.78 2.86 -7.48
CA ALA B 75 3.33 2.20 -6.32
C ALA B 75 2.34 2.01 -5.19
N LEU B 76 2.74 1.25 -4.19
CA LEU B 76 1.97 1.06 -2.97
C LEU B 76 2.83 1.54 -1.82
N GLU B 77 2.20 2.12 -0.81
CA GLU B 77 2.95 2.49 0.39
C GLU B 77 2.64 1.62 1.57
N ALA B 78 3.68 1.33 2.34
CA ALA B 78 3.55 0.54 3.53
C ALA B 78 4.64 0.91 4.50
N SER B 79 4.30 0.99 5.79
CA SER B 79 5.31 1.22 6.81
C SER B 79 6.38 0.16 6.74
N GLY B 80 7.63 0.64 6.80
CA GLY B 80 8.82 -0.19 6.75
C GLY B 80 9.81 0.06 7.88
N GLY B 81 11.10 0.08 7.56
CA GLY B 81 12.17 0.21 8.55
C GLY B 81 12.47 -1.19 9.07
N SER B 82 13.68 -1.65 8.84
CA SER B 82 14.03 -3.02 9.22
C SER B 82 13.67 -3.36 10.69
N ALA B 83 14.16 -2.59 11.66
CA ALA B 83 13.83 -2.80 13.08
C ALA B 83 12.34 -2.55 13.37
N GLY B 84 11.72 -1.63 12.63
CA GLY B 84 10.28 -1.36 12.77
C GLY B 84 9.51 -2.63 12.44
N ASN B 85 9.86 -3.23 11.30
CA ASN B 85 9.27 -4.52 10.89
C ASN B 85 9.47 -5.61 11.94
N THR B 86 10.69 -5.69 12.50
CA THR B 86 10.99 -6.68 13.54
C THR B 86 10.11 -6.48 14.79
N ALA B 87 10.00 -5.23 15.25
CA ALA B 87 9.14 -4.95 16.41
C ALA B 87 7.66 -5.33 16.15
N ALA B 88 7.17 -5.00 14.96
CA ALA B 88 5.81 -5.30 14.55
C ALA B 88 5.64 -6.81 14.59
N GLY B 89 6.63 -7.53 14.08
CA GLY B 89 6.59 -9.00 14.04
C GLY B 89 6.49 -9.64 15.41
N VAL B 90 7.29 -9.15 16.36
CA VAL B 90 7.24 -9.58 17.76
C VAL B 90 5.83 -9.37 18.33
N ALA B 91 5.27 -8.18 18.13
CA ALA B 91 3.93 -7.88 18.65
C ALA B 91 2.89 -8.81 18.02
N ASN B 92 2.99 -9.04 16.71
CA ASN B 92 2.10 -9.92 15.95
C ASN B 92 2.07 -11.32 16.57
N LEU B 93 3.28 -11.86 16.82
CA LEU B 93 3.44 -13.16 17.47
C LEU B 93 2.84 -13.23 18.88
N GLY B 94 2.73 -12.08 19.55
CA GLY B 94 2.13 -12.00 20.87
C GLY B 94 3.07 -11.51 21.96
N GLY B 95 4.29 -11.16 21.57
CA GLY B 95 5.28 -10.64 22.51
C GLY B 95 5.04 -9.15 22.76
N LYS B 96 5.73 -8.61 23.75
CA LYS B 96 5.59 -7.20 24.09
CA LYS B 96 5.62 -7.21 24.16
C LYS B 96 6.76 -6.43 23.52
N ALA B 97 6.45 -5.53 22.60
CA ALA B 97 7.49 -4.82 21.85
C ALA B 97 7.43 -3.31 21.98
N ALA B 98 8.60 -2.70 21.82
CA ALA B 98 8.73 -1.25 21.79
C ALA B 98 9.69 -0.86 20.67
N TYR B 99 9.61 0.39 20.21
CA TYR B 99 10.43 0.85 19.10
C TYR B 99 10.94 2.28 19.34
N PHE B 100 12.22 2.51 19.06
CA PHE B 100 12.73 3.90 18.90
C PHE B 100 13.09 4.15 17.43
N GLY B 101 12.60 5.25 16.88
CA GLY B 101 12.91 5.68 15.49
C GLY B 101 12.31 7.03 15.24
N ASN B 102 12.98 7.86 14.46
CA ASN B 102 12.54 9.25 14.30
C ASN B 102 11.91 9.53 12.96
N VAL B 103 10.66 9.99 13.00
CA VAL B 103 9.95 10.46 11.81
C VAL B 103 9.78 11.99 11.86
N ALA B 104 9.28 12.58 10.78
CA ALA B 104 8.93 14.02 10.78
C ALA B 104 7.45 14.22 11.08
N ALA B 105 7.11 15.48 11.39
CA ALA B 105 5.72 15.88 11.55
C ALA B 105 5.10 16.13 10.17
N ASP B 106 4.85 15.04 9.46
CA ASP B 106 4.25 15.06 8.13
C ASP B 106 3.36 13.83 7.99
N GLN B 107 2.72 13.70 6.83
CA GLN B 107 1.74 12.64 6.62
C GLN B 107 2.38 11.26 6.61
N LEU B 108 3.56 11.14 6.02
CA LEU B 108 4.31 9.88 6.05
C LEU B 108 4.67 9.49 7.47
N GLY B 109 5.08 10.48 8.28
CA GLY B 109 5.33 10.27 9.69
C GLY B 109 4.10 9.81 10.47
N ASP B 110 2.95 10.41 10.16
CA ASP B 110 1.66 10.02 10.75
C ASP B 110 1.31 8.57 10.39
N ILE B 111 1.55 8.21 9.13
CA ILE B 111 1.32 6.82 8.66
C ILE B 111 2.20 5.86 9.45
N PHE B 112 3.51 6.15 9.50
CA PHE B 112 4.45 5.32 10.26
C PHE B 112 4.03 5.15 11.72
N THR B 113 3.71 6.27 12.38
CA THR B 113 3.28 6.25 13.76
C THR B 113 2.02 5.40 13.93
N HIS B 114 1.06 5.57 13.03
CA HIS B 114 -0.18 4.82 13.18
C HIS B 114 0.08 3.33 13.09
N ASP B 115 0.86 2.95 12.07
CA ASP B 115 1.01 1.52 11.74
C ASP B 115 1.67 0.73 12.85
N ILE B 116 2.73 1.29 13.41
CA ILE B 116 3.45 0.58 14.46
C ILE B 116 2.67 0.55 15.78
N ARG B 117 2.04 1.68 16.13
CA ARG B 117 1.21 1.72 17.34
C ARG B 117 -0.02 0.79 17.21
N ALA B 118 -0.57 0.69 15.99
CA ALA B 118 -1.80 -0.07 15.77
C ALA B 118 -1.52 -1.57 15.91
N GLN B 119 -0.26 -1.95 15.70
CA GLN B 119 0.18 -3.34 15.88
C GLN B 119 0.42 -3.70 17.36
N GLY B 120 0.35 -2.71 18.24
CA GLY B 120 0.54 -2.94 19.67
C GLY B 120 1.94 -2.69 20.17
N VAL B 121 2.78 -2.01 19.37
CA VAL B 121 4.16 -1.71 19.73
C VAL B 121 4.18 -0.32 20.41
N HIS B 122 4.90 -0.22 21.52
CA HIS B 122 5.07 1.07 22.23
C HIS B 122 5.98 1.91 21.35
N TYR B 123 5.48 3.08 20.94
CA TYR B 123 6.26 3.97 20.11
C TYR B 123 5.98 5.43 20.47
N GLN B 124 7.00 6.07 21.06
CA GLN B 124 6.82 7.39 21.66
CA GLN B 124 6.81 7.39 21.66
C GLN B 124 7.86 8.43 21.25
N THR B 125 8.74 8.07 20.31
CA THR B 125 9.73 9.01 19.77
C THR B 125 9.03 10.21 19.11
N LYS B 126 9.33 11.40 19.61
CA LYS B 126 8.68 12.62 19.15
C LYS B 126 9.34 13.20 17.89
N PRO B 127 8.55 13.54 16.84
CA PRO B 127 9.16 14.24 15.71
C PRO B 127 9.72 15.59 16.14
N LYS B 128 10.75 16.07 15.45
CA LYS B 128 11.46 17.31 15.82
C LYS B 128 11.07 18.50 14.96
N GLY B 129 10.31 18.24 13.90
CA GLY B 129 9.86 19.26 12.95
C GLY B 129 9.41 18.60 11.65
N ALA B 130 9.17 19.40 10.61
CA ALA B 130 8.73 18.88 9.30
C ALA B 130 9.89 18.67 8.31
N PHE B 131 11.07 19.16 8.66
CA PHE B 131 12.24 19.00 7.78
C PHE B 131 13.48 18.64 8.59
N PRO B 132 14.24 17.61 8.14
CA PRO B 132 14.00 16.82 6.93
C PRO B 132 12.71 16.00 7.07
N PRO B 133 12.06 15.68 5.94
CA PRO B 133 10.79 14.94 6.03
C PRO B 133 11.05 13.48 6.35
N THR B 134 9.96 12.75 6.62
CA THR B 134 10.03 11.35 6.97
C THR B 134 10.75 10.51 5.91
N ALA B 135 11.64 9.62 6.39
CA ALA B 135 12.41 8.75 5.50
C ALA B 135 11.47 7.88 4.67
N ARG B 136 11.86 7.68 3.42
CA ARG B 136 11.18 6.73 2.54
C ARG B 136 12.17 5.91 1.74
N SER B 137 11.78 4.68 1.44
CA SER B 137 12.59 3.82 0.62
C SER B 137 11.79 3.39 -0.57
N MSE B 138 12.33 3.66 -1.77
CA MSE B 138 11.74 3.21 -3.02
C MSE B 138 12.29 1.82 -3.25
O MSE B 138 13.50 1.65 -3.47
CB MSE B 138 11.95 4.15 -4.18
CG MSE B 138 11.07 5.36 -3.91
SE MSE B 138 11.61 6.68 -5.25
CE MSE B 138 13.27 7.25 -4.35
N ILE B 139 11.38 0.86 -3.20
CA ILE B 139 11.74 -0.55 -3.25
C ILE B 139 11.20 -1.15 -4.53
N PHE B 140 12.12 -1.66 -5.35
CA PHE B 140 11.81 -2.23 -6.65
C PHE B 140 11.92 -3.73 -6.56
N VAL B 141 10.82 -4.41 -6.86
CA VAL B 141 10.75 -5.86 -6.79
C VAL B 141 10.81 -6.40 -8.21
N THR B 142 11.84 -7.20 -8.48
CA THR B 142 12.01 -7.79 -9.80
C THR B 142 11.21 -9.10 -9.88
N GLU B 143 11.15 -9.69 -11.09
CA GLU B 143 10.27 -10.85 -11.33
C GLU B 143 10.61 -12.07 -10.49
N ASP B 144 11.88 -12.16 -10.08
CA ASP B 144 12.36 -13.22 -9.20
C ASP B 144 11.97 -13.01 -7.72
N GLY B 145 11.37 -11.86 -7.42
CA GLY B 145 10.89 -11.56 -6.07
C GLY B 145 11.96 -10.89 -5.22
N GLU B 146 13.12 -10.67 -5.81
CA GLU B 146 14.18 -9.93 -5.12
C GLU B 146 13.79 -8.48 -4.97
N ARG B 147 14.20 -7.91 -3.89
CA ARG B 147 13.97 -6.45 -3.69
CA ARG B 147 13.97 -6.45 -3.69
C ARG B 147 15.34 -5.51 -3.59
N SER B 148 15.18 -4.39 -4.27
CA SER B 148 16.31 -3.49 -4.33
C SER B 148 15.82 -2.13 -3.83
N MSE B 149 16.42 -1.67 -2.74
CA MSE B 149 15.88 -0.54 -1.98
C MSE B 149 16.70 0.70 -2.19
O MSE B 149 17.92 0.63 -2.30
CB MSE B 149 15.86 -0.87 -0.49
CG MSE B 149 15.34 -2.29 -0.31
SE MSE B 149 14.85 -2.53 1.57
CE MSE B 149 16.64 -2.71 2.33
N ASN B 150 16.02 1.85 -2.21
CA ASN B 150 16.65 3.13 -2.51
C ASN B 150 16.13 4.12 -1.51
N THR B 151 16.94 4.38 -0.49
CA THR B 151 16.47 4.94 0.77
C THR B 151 16.99 6.35 0.94
N TYR B 152 16.04 7.27 1.11
CA TYR B 152 16.37 8.63 1.55
C TYR B 152 16.08 8.72 3.05
N LEU B 153 17.15 8.90 3.84
CA LEU B 153 17.05 8.87 5.30
C LEU B 153 16.23 9.98 5.97
N GLY B 154 16.14 11.14 5.33
CA GLY B 154 15.28 12.21 5.85
C GLY B 154 15.47 12.38 7.35
N ALA B 155 14.36 12.38 8.08
CA ALA B 155 14.34 12.61 9.52
C ALA B 155 15.14 11.62 10.36
N CYS B 156 15.48 10.46 9.78
CA CYS B 156 16.32 9.50 10.49
C CYS B 156 17.66 10.08 10.95
N VAL B 157 18.15 11.10 10.22
CA VAL B 157 19.45 11.69 10.58
C VAL B 157 19.41 12.40 11.94
N GLU B 158 18.18 12.67 12.43
CA GLU B 158 18.01 13.37 13.72
C GLU B 158 17.96 12.46 14.96
N LEU B 159 17.93 11.15 14.79
CA LEU B 159 17.86 10.27 15.94
C LEU B 159 19.16 10.33 16.73
N GLY B 160 19.05 10.50 18.04
CA GLY B 160 20.23 10.62 18.88
C GLY B 160 19.95 10.24 20.31
N PRO B 161 20.91 10.51 21.21
CA PRO B 161 20.79 10.09 22.60
C PRO B 161 19.53 10.63 23.27
N GLU B 162 19.05 11.79 22.83
CA GLU B 162 17.85 12.40 23.40
C GLU B 162 16.59 11.54 23.20
N ASP B 163 16.66 10.64 22.23
CA ASP B 163 15.54 9.74 21.93
C ASP B 163 15.56 8.42 22.68
N VAL B 164 16.54 8.20 23.53
CA VAL B 164 16.57 6.99 24.34
C VAL B 164 15.67 7.14 25.56
N GLU B 165 14.62 6.33 25.61
CA GLU B 165 13.75 6.29 26.79
C GLU B 165 14.39 5.29 27.75
N ALA B 166 15.14 5.80 28.73
CA ALA B 166 15.98 4.95 29.60
C ALA B 166 15.18 3.87 30.33
N ASP B 167 13.99 4.23 30.83
CA ASP B 167 13.10 3.29 31.51
CA ASP B 167 13.12 3.28 31.52
C ASP B 167 12.67 2.14 30.59
N VAL B 168 12.52 2.42 29.29
CA VAL B 168 12.15 1.36 28.35
C VAL B 168 13.30 0.37 28.14
N VAL B 169 14.49 0.90 27.91
CA VAL B 169 15.67 0.04 27.73
C VAL B 169 15.84 -0.84 28.99
N ALA B 170 15.81 -0.20 30.16
CA ALA B 170 15.89 -0.91 31.44
C ALA B 170 14.88 -2.06 31.62
N ASP B 171 13.68 -1.89 31.05
CA ASP B 171 12.53 -2.78 31.25
C ASP B 171 12.29 -3.70 30.04
N ALA B 172 13.32 -3.85 29.21
CA ALA B 172 13.22 -4.70 28.03
C ALA B 172 14.20 -5.88 28.07
N LYS B 173 13.68 -7.09 27.85
CA LYS B 173 14.52 -8.28 27.94
C LYS B 173 15.69 -8.19 26.95
N VAL B 174 15.39 -7.78 25.73
CA VAL B 174 16.38 -7.63 24.68
C VAL B 174 16.17 -6.29 23.98
N THR B 175 17.26 -5.56 23.76
CA THR B 175 17.28 -4.39 22.88
C THR B 175 18.04 -4.77 21.60
N TYR B 176 17.36 -4.65 20.47
CA TYR B 176 17.86 -5.05 19.14
C TYR B 176 17.96 -3.82 18.26
N PHE B 177 19.06 -3.72 17.50
CA PHE B 177 19.22 -2.56 16.61
C PHE B 177 19.81 -2.91 15.26
N GLU B 178 19.63 -1.99 14.30
CA GLU B 178 20.17 -2.16 12.95
C GLU B 178 21.59 -1.69 12.77
N GLY B 179 22.41 -2.52 12.13
CA GLY B 179 23.64 -2.06 11.48
C GLY B 179 23.42 -0.79 10.68
N TYR B 180 22.24 -0.65 10.06
CA TYR B 180 21.90 0.48 9.22
C TYR B 180 22.01 1.78 10.00
N LEU B 181 21.94 1.71 11.33
CA LEU B 181 22.00 2.91 12.18
C LEU B 181 23.38 3.60 12.15
N TRP B 182 24.40 2.92 11.62
CA TRP B 182 25.74 3.50 11.48
C TRP B 182 25.86 4.52 10.33
N ASP B 183 24.86 4.60 9.45
CA ASP B 183 24.84 5.61 8.39
C ASP B 183 24.48 7.02 8.87
N PRO B 184 23.33 7.21 9.57
CA PRO B 184 23.05 8.56 10.12
C PRO B 184 24.09 8.94 11.17
N PRO B 185 24.25 10.24 11.47
CA PRO B 185 25.45 10.61 12.20
C PRO B 185 25.45 10.32 13.70
N ARG B 186 24.30 10.46 14.36
CA ARG B 186 24.26 10.44 15.82
CA ARG B 186 24.28 10.42 15.83
C ARG B 186 23.60 9.20 16.43
N ALA B 187 22.98 8.37 15.59
CA ALA B 187 22.27 7.19 16.11
C ALA B 187 23.18 6.27 16.94
N LYS B 188 24.43 6.09 16.51
CA LYS B 188 25.35 5.22 17.24
C LYS B 188 25.53 5.64 18.70
N GLU B 189 25.41 6.94 18.97
CA GLU B 189 25.52 7.43 20.35
C GLU B 189 24.34 6.95 21.20
N ALA B 190 23.15 6.94 20.60
CA ALA B 190 21.97 6.42 21.25
C ALA B 190 22.15 4.93 21.54
N ILE B 191 22.72 4.20 20.56
CA ILE B 191 22.93 2.77 20.73
C ILE B 191 23.91 2.45 21.87
N LEU B 192 25.00 3.22 21.97
CA LEU B 192 25.97 3.02 23.05
C LEU B 192 25.31 3.29 24.41
N ASP B 193 24.47 4.32 24.45
CA ASP B 193 23.67 4.60 25.66
C ASP B 193 22.75 3.43 26.01
N CYS B 194 22.06 2.89 25.01
CA CYS B 194 21.23 1.70 25.17
C CYS B 194 22.01 0.49 25.72
N ALA B 195 23.17 0.21 25.13
CA ALA B 195 24.00 -0.93 25.57
C ALA B 195 24.37 -0.82 27.05
N ARG B 196 24.71 0.40 27.49
CA ARG B 196 25.07 0.65 28.88
CA ARG B 196 25.07 0.65 28.88
C ARG B 196 23.89 0.35 29.79
N ILE B 197 22.73 0.93 29.46
CA ILE B 197 21.53 0.78 30.26
C ILE B 197 21.08 -0.68 30.31
N ALA B 198 20.98 -1.32 29.15
CA ALA B 198 20.56 -2.72 29.08
C ALA B 198 21.43 -3.58 29.98
N HIS B 199 22.75 -3.49 29.79
CA HIS B 199 23.68 -4.33 30.52
C HIS B 199 23.73 -4.01 32.03
N GLN B 200 23.62 -2.74 32.39
CA GLN B 200 23.55 -2.39 33.81
C GLN B 200 22.30 -2.97 34.48
N HIS B 201 21.28 -3.28 33.69
CA HIS B 201 20.03 -3.87 34.19
C HIS B 201 19.88 -5.37 33.87
N GLY B 202 20.98 -5.99 33.46
CA GLY B 202 21.01 -7.43 33.23
C GLY B 202 20.26 -7.92 31.99
N ARG B 203 20.03 -7.03 31.04
CA ARG B 203 19.34 -7.38 29.79
C ARG B 203 20.36 -7.70 28.71
N GLU B 204 19.89 -8.08 27.52
CA GLU B 204 20.81 -8.43 26.43
C GLU B 204 20.65 -7.49 25.25
N MSE B 205 21.73 -7.30 24.51
CA MSE B 205 21.76 -6.46 23.32
C MSE B 205 21.87 -7.33 22.11
O MSE B 205 22.57 -8.36 22.16
CB MSE B 205 22.99 -5.56 23.32
CG MSE B 205 22.96 -4.47 24.41
SE MSE B 205 21.48 -3.21 24.14
CE MSE B 205 22.01 -2.54 22.36
N SER B 206 21.19 -6.96 21.04
CA SER B 206 21.25 -7.72 19.78
C SER B 206 21.35 -6.77 18.60
N MSE B 207 22.04 -7.19 17.55
CA MSE B 207 22.05 -6.42 16.33
C MSE B 207 21.91 -7.30 15.14
O MSE B 207 22.22 -8.51 15.21
CB MSE B 207 23.33 -5.62 16.24
CG MSE B 207 24.43 -6.38 15.53
SE MSE B 207 25.98 -5.19 15.48
CE MSE B 207 25.43 -4.07 13.96
N THR B 208 21.42 -6.71 14.07
CA THR B 208 21.54 -7.27 12.74
C THR B 208 22.61 -6.56 11.92
N LEU B 209 23.36 -7.35 11.14
CA LEU B 209 24.36 -6.77 10.21
C LEU B 209 23.75 -6.02 9.01
N SER B 210 22.44 -6.20 8.82
CA SER B 210 21.60 -5.42 7.92
C SER B 210 21.73 -5.64 6.42
N ASP B 211 22.96 -5.51 5.90
CA ASP B 211 23.16 -5.46 4.47
C ASP B 211 24.64 -5.60 4.25
N SER B 212 25.05 -6.34 3.22
CA SER B 212 26.46 -6.61 3.04
C SER B 212 27.32 -5.38 2.75
N PHE B 213 26.76 -4.39 2.06
CA PHE B 213 27.49 -3.15 1.80
C PHE B 213 27.55 -2.31 3.07
N CYS B 214 26.52 -2.39 3.89
CA CYS B 214 26.55 -1.77 5.22
C CYS B 214 27.71 -2.38 6.02
N VAL B 215 27.85 -3.71 5.98
CA VAL B 215 29.00 -4.36 6.59
C VAL B 215 30.33 -3.88 5.99
N ASP B 216 30.40 -3.74 4.66
CA ASP B 216 31.62 -3.19 4.04
C ASP B 216 31.94 -1.83 4.65
N ARG B 217 30.91 -1.03 4.93
CA ARG B 217 31.16 0.33 5.43
C ARG B 217 31.65 0.36 6.89
N TYR B 218 31.20 -0.59 7.71
CA TYR B 218 31.36 -0.48 9.18
C TYR B 218 31.92 -1.76 9.81
N ARG B 219 32.66 -2.52 9.01
CA ARG B 219 33.16 -3.81 9.39
C ARG B 219 33.87 -3.79 10.76
N GLY B 220 34.88 -2.92 10.88
CA GLY B 220 35.65 -2.77 12.12
C GLY B 220 34.80 -2.37 13.31
N GLU B 221 33.83 -1.47 13.06
CA GLU B 221 32.94 -1.00 14.11
C GLU B 221 32.03 -2.12 14.61
N PHE B 222 31.48 -2.86 13.66
CA PHE B 222 30.63 -3.99 14.01
C PHE B 222 31.38 -5.06 14.81
N LEU B 223 32.56 -5.46 14.33
CA LEU B 223 33.40 -6.45 15.06
C LEU B 223 33.72 -5.97 16.47
N ASP B 224 33.96 -4.66 16.60
CA ASP B 224 34.23 -4.05 17.90
C ASP B 224 33.04 -4.14 18.86
N LEU B 225 31.83 -3.91 18.33
CA LEU B 225 30.62 -4.05 19.15
C LEU B 225 30.49 -5.48 19.67
N MSE B 226 30.83 -6.46 18.83
CA MSE B 226 30.73 -7.87 19.23
C MSE B 226 31.80 -8.25 20.22
O MSE B 226 31.49 -8.72 21.32
CB MSE B 226 30.76 -8.76 17.99
CG MSE B 226 29.52 -8.56 17.12
SE MSE B 226 29.93 -9.07 15.26
CE MSE B 226 30.01 -11.02 15.56
N ARG B 227 33.05 -8.02 19.86
CA ARG B 227 34.19 -8.37 20.71
C ARG B 227 34.24 -7.66 22.07
N SER B 228 33.73 -6.43 22.13
CA SER B 228 33.66 -5.69 23.40
C SER B 228 32.51 -6.15 24.29
N GLY B 229 31.58 -6.91 23.70
CA GLY B 229 30.42 -7.43 24.44
C GLY B 229 29.25 -6.48 24.53
N LYS B 230 29.33 -5.35 23.81
CA LYS B 230 28.19 -4.43 23.70
C LYS B 230 27.01 -5.11 23.00
N VAL B 231 27.32 -6.04 22.11
CA VAL B 231 26.30 -6.85 21.46
C VAL B 231 26.47 -8.32 21.87
N ASP B 232 25.36 -8.93 22.31
CA ASP B 232 25.34 -10.33 22.77
C ASP B 232 24.84 -11.32 21.71
N ILE B 233 23.84 -10.91 20.93
CA ILE B 233 23.21 -11.75 19.90
C ILE B 233 23.29 -11.06 18.54
N VAL B 234 23.91 -11.72 17.54
CA VAL B 234 24.07 -11.12 16.20
CA VAL B 234 24.05 -11.11 16.21
C VAL B 234 23.26 -11.88 15.16
N PHE B 235 22.52 -11.14 14.33
CA PHE B 235 21.81 -11.67 13.16
C PHE B 235 22.56 -11.34 11.88
N ALA B 236 22.70 -12.33 11.00
CA ALA B 236 23.43 -12.17 9.73
C ALA B 236 22.81 -13.09 8.69
N ASN B 237 22.86 -12.70 7.43
CA ASN B 237 22.62 -13.68 6.38
C ASN B 237 23.96 -14.14 5.83
N ARG B 238 23.95 -15.07 4.88
CA ARG B 238 25.19 -15.61 4.34
C ARG B 238 26.08 -14.47 3.80
N GLN B 239 25.49 -13.57 3.03
CA GLN B 239 26.23 -12.49 2.34
C GLN B 239 26.90 -11.58 3.36
N GLU B 240 26.18 -11.23 4.43
CA GLU B 240 26.71 -10.39 5.49
C GLU B 240 27.85 -11.05 6.28
N ALA B 241 27.70 -12.33 6.59
CA ALA B 241 28.71 -13.10 7.33
C ALA B 241 30.00 -13.17 6.50
N LEU B 242 29.86 -13.44 5.20
CA LEU B 242 31.00 -13.48 4.30
C LEU B 242 31.69 -12.10 4.22
N SER B 243 30.89 -11.05 4.13
N SER B 243 30.89 -11.05 4.13
CA SER B 243 31.41 -9.68 4.09
CA SER B 243 31.42 -9.68 4.08
C SER B 243 32.13 -9.30 5.38
C SER B 243 32.12 -9.29 5.39
N LEU B 244 31.59 -9.77 6.51
CA LEU B 244 32.16 -9.44 7.81
C LEU B 244 33.63 -9.84 7.92
N TYR B 245 33.97 -11.01 7.39
CA TYR B 245 35.34 -11.50 7.44
C TYR B 245 36.05 -11.49 6.09
N GLN B 246 35.42 -10.86 5.09
CA GLN B 246 35.94 -10.73 3.73
C GLN B 246 36.45 -12.05 3.19
N THR B 247 35.61 -13.07 3.26
CA THR B 247 35.95 -14.43 2.87
C THR B 247 34.91 -14.95 1.90
N ASP B 248 35.28 -15.91 1.07
CA ASP B 248 34.27 -16.63 0.29
C ASP B 248 34.01 -18.00 0.93
N ASP B 249 34.64 -18.26 2.07
CA ASP B 249 34.50 -19.53 2.78
C ASP B 249 33.48 -19.40 3.90
N PHE B 250 32.27 -19.88 3.63
CA PHE B 250 31.17 -19.79 4.58
C PHE B 250 31.45 -20.50 5.91
N GLU B 251 32.15 -21.65 5.86
CA GLU B 251 32.47 -22.38 7.09
C GLU B 251 33.41 -21.59 7.99
N GLU B 252 34.38 -20.90 7.38
CA GLU B 252 35.24 -19.98 8.11
C GLU B 252 34.41 -18.87 8.75
N ALA B 253 33.50 -18.29 7.96
CA ALA B 253 32.62 -17.20 8.43
C ALA B 253 31.84 -17.64 9.66
N LEU B 254 31.31 -18.87 9.62
CA LEU B 254 30.53 -19.40 10.74
C LEU B 254 31.39 -19.61 12.00
N ASN B 255 32.58 -20.19 11.82
CA ASN B 255 33.49 -20.39 12.93
C ASN B 255 33.92 -19.06 13.57
N ARG B 256 34.21 -18.09 12.75
CA ARG B 256 34.64 -16.80 13.29
C ARG B 256 33.53 -16.02 13.95
N ILE B 257 32.37 -16.02 13.35
CA ILE B 257 31.26 -15.26 13.98
C ILE B 257 30.90 -15.88 15.33
N ALA B 258 30.98 -17.20 15.45
CA ALA B 258 30.75 -17.90 16.71
C ALA B 258 31.78 -17.47 17.78
N ALA B 259 33.01 -17.20 17.36
CA ALA B 259 34.07 -16.78 18.28
C ALA B 259 33.89 -15.33 18.70
N ASP B 260 33.17 -14.58 17.89
CA ASP B 260 33.06 -13.12 18.09
C ASP B 260 31.84 -12.63 18.88
N CYS B 261 30.83 -13.47 19.03
CA CYS B 261 29.64 -13.10 19.79
CA CYS B 261 29.58 -13.12 19.71
C CYS B 261 29.07 -14.29 20.54
N LYS B 262 28.29 -14.01 21.59
CA LYS B 262 27.74 -15.06 22.43
C LYS B 262 26.79 -15.99 21.67
N ILE B 263 25.86 -15.41 20.91
CA ILE B 263 24.95 -16.16 20.03
C ILE B 263 24.92 -15.50 18.66
N ALA B 264 25.01 -16.30 17.58
CA ALA B 264 24.83 -15.80 16.22
C ALA B 264 23.73 -16.58 15.54
N ALA B 265 22.86 -15.87 14.85
CA ALA B 265 21.82 -16.50 14.05
C ALA B 265 22.07 -16.14 12.61
N VAL B 266 22.42 -17.16 11.81
CA VAL B 266 22.83 -16.92 10.43
C VAL B 266 21.84 -17.56 9.45
N THR B 267 21.19 -16.71 8.67
CA THR B 267 20.18 -17.20 7.72
C THR B 267 20.81 -17.52 6.38
N MSE B 268 20.25 -18.52 5.69
CA MSE B 268 20.77 -18.98 4.40
C MSE B 268 19.66 -19.09 3.39
O MSE B 268 19.61 -20.06 2.63
CB MSE B 268 21.48 -20.32 4.59
CG MSE B 268 22.55 -20.18 5.67
SE MSE B 268 23.32 -21.92 6.18
CE MSE B 268 21.75 -22.81 6.97
N SER B 269 18.77 -18.09 3.36
CA SER B 269 17.63 -18.06 2.44
C SER B 269 16.88 -19.40 2.38
N GLU B 270 16.79 -20.00 1.19
CA GLU B 270 16.04 -21.24 0.99
C GLU B 270 16.71 -22.47 1.64
N ASN B 271 17.91 -22.28 2.19
CA ASN B 271 18.65 -23.36 2.85
C ASN B 271 18.48 -23.33 4.37
N GLY B 272 17.57 -22.49 4.85
CA GLY B 272 17.25 -22.42 6.26
C GLY B 272 18.20 -21.51 7.01
N ALA B 273 18.56 -21.93 8.22
CA ALA B 273 19.38 -21.10 9.09
C ALA B 273 20.18 -21.93 10.07
N VAL B 274 21.21 -21.32 10.64
CA VAL B 274 22.01 -21.98 11.66
C VAL B 274 22.22 -21.06 12.86
N ILE B 275 21.99 -21.62 14.03
CA ILE B 275 22.15 -20.88 15.28
C ILE B 275 23.41 -21.38 15.98
N LEU B 276 24.25 -20.44 16.37
CA LEU B 276 25.57 -20.74 16.87
C LEU B 276 25.70 -20.21 18.29
N LYS B 277 26.17 -21.05 19.19
CA LYS B 277 26.46 -20.61 20.55
C LYS B 277 27.68 -21.35 21.05
N GLY B 278 28.81 -20.65 21.13
CA GLY B 278 30.08 -21.28 21.49
C GLY B 278 30.43 -22.35 20.47
N ARG B 279 30.36 -23.61 20.88
CA ARG B 279 30.64 -24.73 19.99
C ARG B 279 29.36 -25.40 19.48
N GLU B 280 28.23 -25.01 20.05
CA GLU B 280 26.93 -25.55 19.65
C GLU B 280 26.50 -24.95 18.30
N ARG B 281 26.04 -25.81 17.39
CA ARG B 281 25.33 -25.39 16.18
C ARG B 281 23.96 -26.03 16.14
N TYR B 282 22.94 -25.24 15.80
CA TYR B 282 21.57 -25.74 15.62
C TYR B 282 21.05 -25.29 14.25
N TYR B 283 20.81 -26.26 13.39
CA TYR B 283 20.34 -26.01 12.02
C TYR B 283 18.82 -26.11 11.94
N VAL B 284 18.21 -25.18 11.20
CA VAL B 284 16.77 -25.14 11.00
C VAL B 284 16.43 -25.09 9.49
N ASN B 285 15.38 -25.80 9.08
CA ASN B 285 14.94 -25.75 7.69
C ASN B 285 14.01 -24.60 7.34
N ALA B 286 14.12 -24.13 6.10
CA ALA B 286 13.19 -23.14 5.55
C ALA B 286 11.86 -23.82 5.22
N ILE B 287 10.77 -23.06 5.33
CA ILE B 287 9.45 -23.60 4.98
C ILE B 287 9.34 -23.66 3.45
N ARG B 288 8.76 -24.73 2.92
CA ARG B 288 8.62 -24.87 1.48
C ARG B 288 7.58 -23.92 0.88
N ILE B 289 8.07 -22.99 0.07
CA ILE B 289 7.28 -21.86 -0.42
C ILE B 289 6.48 -22.23 -1.66
N ARG B 290 5.25 -21.69 -1.75
CA ARG B 290 4.46 -21.77 -2.97
C ARG B 290 5.20 -21.02 -4.09
N GLU B 291 5.29 -19.70 -3.94
CA GLU B 291 6.04 -18.85 -4.84
C GLU B 291 6.53 -17.64 -4.07
N VAL B 292 7.77 -17.20 -4.35
CA VAL B 292 8.30 -16.00 -3.71
C VAL B 292 7.70 -14.78 -4.37
N VAL B 293 6.87 -14.05 -3.63
CA VAL B 293 6.25 -12.83 -4.08
C VAL B 293 7.19 -11.61 -3.97
N ASP B 294 7.81 -11.43 -2.82
CA ASP B 294 8.62 -10.26 -2.51
C ASP B 294 9.42 -10.58 -1.29
N THR B 295 10.74 -10.60 -1.41
CA THR B 295 11.58 -10.96 -0.32
C THR B 295 11.69 -9.86 0.77
N THR B 296 11.11 -8.71 0.55
CA THR B 296 11.21 -7.60 1.52
C THR B 296 10.74 -8.01 2.92
N GLY B 297 11.62 -7.82 3.91
CA GLY B 297 11.28 -8.12 5.30
C GLY B 297 11.66 -9.50 5.80
N ALA B 298 12.19 -10.34 4.89
CA ALA B 298 12.49 -11.71 5.29
C ALA B 298 13.38 -11.79 6.54
N GLY B 299 14.55 -11.16 6.46
CA GLY B 299 15.46 -11.12 7.60
C GLY B 299 14.90 -10.44 8.85
N ASP B 300 14.14 -9.36 8.64
CA ASP B 300 13.47 -8.67 9.75
C ASP B 300 12.56 -9.59 10.57
N LEU B 301 11.75 -10.33 9.84
CA LEU B 301 10.77 -11.27 10.41
C LEU B 301 11.40 -12.57 10.96
N PHE B 302 12.49 -13.04 10.35
CA PHE B 302 13.33 -14.05 10.99
C PHE B 302 13.71 -13.58 12.41
N ALA B 303 14.15 -12.32 12.51
CA ALA B 303 14.54 -11.79 13.82
C ALA B 303 13.36 -11.69 14.79
N SER B 304 12.19 -11.30 14.28
CA SER B 304 10.99 -11.26 15.12
C SER B 304 10.74 -12.64 15.72
N GLY B 305 10.78 -13.67 14.87
CA GLY B 305 10.50 -15.04 15.32
C GLY B 305 11.50 -15.56 16.33
N PHE B 306 12.79 -15.37 16.00
CA PHE B 306 13.87 -15.72 16.89
C PHE B 306 13.72 -15.02 18.26
N LEU B 307 13.58 -13.69 18.26
CA LEU B 307 13.59 -12.96 19.52
C LEU B 307 12.34 -13.17 20.35
N TYR B 308 11.21 -13.44 19.68
CA TYR B 308 9.99 -13.79 20.37
C TYR B 308 10.25 -15.11 21.10
N GLY B 309 10.79 -16.09 20.38
CA GLY B 309 11.10 -17.38 20.99
C GLY B 309 12.08 -17.26 22.14
N TYR B 310 13.11 -16.44 21.94
CA TYR B 310 14.20 -16.25 22.89
C TYR B 310 13.71 -15.67 24.23
N THR B 311 12.88 -14.65 24.15
CA THR B 311 12.29 -13.99 25.33
C THR B 311 11.11 -14.75 25.95
N GLN B 312 10.68 -15.83 25.29
CA GLN B 312 9.72 -16.78 25.87
C GLN B 312 10.42 -17.98 26.52
N GLY B 313 11.75 -18.02 26.44
CA GLY B 313 12.56 -19.06 27.08
C GLY B 313 12.68 -20.35 26.28
N ARG B 314 12.44 -20.25 24.97
CA ARG B 314 12.48 -21.41 24.09
C ARG B 314 13.90 -21.81 23.73
N SER B 315 14.10 -23.06 23.33
CA SER B 315 15.41 -23.55 22.95
C SER B 315 15.90 -22.77 21.74
N LEU B 316 17.21 -22.67 21.55
CA LEU B 316 17.74 -21.99 20.35
C LEU B 316 17.16 -22.58 19.05
N GLU B 317 17.03 -23.91 18.96
CA GLU B 317 16.45 -24.49 17.75
C GLU B 317 15.03 -23.99 17.48
N ASP B 318 14.21 -23.96 18.53
CA ASP B 318 12.83 -23.47 18.43
C ASP B 318 12.72 -21.98 18.08
N CYS B 319 13.64 -21.19 18.60
CA CYS B 319 13.81 -19.80 18.16
C CYS B 319 14.06 -19.72 16.65
N GLY B 320 14.99 -20.55 16.19
CA GLY B 320 15.27 -20.67 14.75
C GLY B 320 14.04 -21.08 13.96
N LYS B 321 13.32 -22.08 14.45
CA LYS B 321 12.08 -22.51 13.79
C LYS B 321 11.06 -21.38 13.68
N LEU B 322 10.88 -20.63 14.77
CA LEU B 322 9.95 -19.50 14.77
C LEU B 322 10.40 -18.40 13.78
N GLY B 323 11.68 -18.08 13.78
CA GLY B 323 12.25 -17.17 12.77
C GLY B 323 11.97 -17.61 11.34
N CYS B 324 12.28 -18.87 11.04
CA CYS B 324 11.99 -19.36 9.69
C CYS B 324 10.50 -19.28 9.31
N LEU B 325 9.62 -19.62 10.26
CA LEU B 325 8.21 -19.57 10.00
C LEU B 325 7.77 -18.16 9.64
N ALA B 326 8.22 -17.19 10.44
CA ALA B 326 7.84 -15.81 10.20
C ALA B 326 8.39 -15.24 8.88
N ALA B 327 9.66 -15.50 8.61
CA ALA B 327 10.27 -15.16 7.31
C ALA B 327 9.56 -15.79 6.10
N GLY B 328 9.28 -17.08 6.20
CA GLY B 328 8.54 -17.74 5.13
C GLY B 328 7.19 -17.10 4.85
N ILE B 329 6.46 -16.69 5.91
CA ILE B 329 5.18 -15.99 5.73
C ILE B 329 5.33 -14.63 5.02
N VAL B 330 6.28 -13.82 5.45
CA VAL B 330 6.40 -12.47 4.91
C VAL B 330 6.78 -12.48 3.42
N ILE B 331 7.52 -13.48 2.97
CA ILE B 331 7.98 -13.47 1.57
C ILE B 331 6.91 -13.92 0.57
N GLN B 332 5.81 -14.48 1.08
CA GLN B 332 4.66 -14.82 0.24
C GLN B 332 3.59 -13.71 0.13
N GLN B 333 3.94 -12.49 0.55
CA GLN B 333 3.04 -11.35 0.41
C GLN B 333 3.81 -10.13 -0.06
N ILE B 334 3.10 -9.16 -0.61
CA ILE B 334 3.67 -7.83 -0.89
C ILE B 334 3.72 -7.06 0.42
N GLY B 335 4.81 -6.36 0.67
CA GLY B 335 4.93 -5.56 1.89
C GLY B 335 5.72 -6.25 2.99
N PRO B 336 6.42 -5.45 3.82
CA PRO B 336 7.40 -5.97 4.78
C PRO B 336 6.88 -6.48 6.13
N ARG B 337 5.59 -6.27 6.41
CA ARG B 337 5.04 -6.67 7.70
C ARG B 337 3.86 -7.62 7.44
N PRO B 338 3.92 -8.84 8.00
CA PRO B 338 2.82 -9.79 7.73
C PRO B 338 1.43 -9.22 7.99
N MSE B 339 0.54 -9.40 7.01
CA MSE B 339 -0.84 -8.93 7.10
C MSE B 339 -1.72 -9.95 7.78
O MSE B 339 -2.89 -9.68 8.09
CB MSE B 339 -1.29 -8.59 5.68
CG MSE B 339 -0.48 -7.40 5.16
SE MSE B 339 -1.06 -6.85 3.35
CE MSE B 339 -0.32 -8.34 2.30
N THR B 340 -1.16 -11.14 8.03
CA THR B 340 -1.86 -12.25 8.69
C THR B 340 -1.33 -12.50 10.11
N SER B 341 -2.00 -13.34 10.88
CA SER B 341 -1.62 -13.61 12.26
C SER B 341 -0.45 -14.60 12.35
N LEU B 342 0.67 -14.12 12.89
CA LEU B 342 1.84 -14.98 13.07
C LEU B 342 1.64 -15.93 14.24
N SER B 343 0.91 -15.48 15.27
CA SER B 343 0.65 -16.31 16.43
C SER B 343 -0.19 -17.53 16.04
N GLU B 344 -1.20 -17.29 15.20
CA GLU B 344 -2.08 -18.36 14.68
C GLU B 344 -1.29 -19.37 13.88
N ALA B 345 -0.38 -18.88 13.04
CA ALA B 345 0.48 -19.74 12.25
C ALA B 345 1.42 -20.54 13.14
N ALA B 346 1.97 -19.89 14.17
CA ALA B 346 2.86 -20.55 15.14
C ALA B 346 2.15 -21.65 15.93
N LYS B 347 0.91 -21.38 16.32
CA LYS B 347 0.04 -22.39 16.98
C LYS B 347 -0.18 -23.61 16.08
N GLN B 348 -0.51 -23.36 14.81
CA GLN B 348 -0.73 -24.42 13.82
C GLN B 348 0.53 -25.26 13.61
N ALA B 349 1.69 -24.60 13.75
CA ALA B 349 2.97 -25.24 13.54
C ALA B 349 3.49 -26.00 14.77
N GLY B 350 2.67 -26.02 15.83
CA GLY B 350 3.08 -26.63 17.09
C GLY B 350 4.16 -25.85 17.81
N LEU B 351 4.46 -24.65 17.34
CA LEU B 351 5.48 -23.80 17.96
C LEU B 351 4.89 -22.95 19.08
N ILE B 352 3.58 -22.70 18.99
CA ILE B 352 2.78 -22.06 20.04
C ILE B 352 3.27 -20.66 20.44
O5' ADN C . -14.51 2.17 -6.07
C5' ADN C . -13.53 2.06 -5.05
C4' ADN C . -12.85 3.41 -4.93
O4' ADN C . -13.80 4.36 -4.47
C3' ADN C . -11.70 3.44 -3.92
O3' ADN C . -10.43 3.41 -4.56
C2' ADN C . -11.87 4.76 -3.19
O2' ADN C . -10.72 5.61 -3.30
C1' ADN C . -13.00 5.43 -3.95
N9 ADN C . -13.86 6.34 -3.15
C8 ADN C . -14.21 6.26 -1.87
N7 ADN C . -15.00 7.31 -1.53
C5 ADN C . -15.15 8.07 -2.61
C6 ADN C . -15.83 9.34 -2.95
N6 ADN C . -16.58 10.01 -2.03
N1 ADN C . -15.70 9.79 -4.22
C2 ADN C . -14.97 9.16 -5.16
N3 ADN C . -14.34 7.99 -4.91
C4 ADN C . -14.38 7.43 -3.68
CAH 12M D . -2.69 10.00 6.68
CAD 12M D . -3.21 9.18 7.85
CAA 12M D . -4.55 9.66 8.37
CAC 12M D . -5.76 9.03 7.98
CAG 12M D . -7.03 9.40 8.41
CAI 12M D . -7.19 10.41 9.33
CAE 12M D . -6.03 11.05 9.74
CAB 12M D . -4.73 10.71 9.30
CAF 12M D . -3.53 11.47 9.88
OAJ 12M D . -2.57 12.08 9.00
S DMS E . -7.37 14.65 8.32
O DMS E . -7.44 16.09 8.01
C1 DMS E . -7.01 14.51 9.97
C2 DMS E . -8.95 13.99 8.29
K K F . -9.24 -4.95 -5.18
O5' ADN G . 14.26 -5.28 5.39
C5' ADN G . 13.33 -4.60 4.56
C4' ADN G . 13.12 -3.22 5.13
O4' ADN G . 14.34 -2.48 5.04
C3' ADN G . 12.13 -2.36 4.33
O3' ADN G . 10.84 -2.43 4.92
C2' ADN G . 12.74 -0.95 4.31
O2' ADN G . 11.91 0.04 4.88
C1' ADN G . 13.92 -1.13 5.23
N9 ADN G . 15.03 -0.21 4.91
C8 ADN G . 15.45 0.23 3.71
N7 ADN G . 16.54 1.02 3.87
C5 ADN G . 16.80 1.08 5.18
C6 ADN G . 17.83 1.72 6.04
N6 ADN G . 18.78 2.51 5.51
N1 ADN G . 17.74 1.51 7.36
C2 ADN G . 16.81 0.71 7.95
N3 ADN G . 15.84 0.11 7.23
C4 ADN G . 15.83 0.22 5.87
CAH 12M H . 5.95 10.94 -1.36
CAD 12M H . 6.49 10.51 -2.69
CAA 12M H . 7.96 10.86 -2.89
CAC 12M H . 8.96 9.88 -2.94
CAG 12M H . 10.30 10.19 -3.13
CAI 12M H . 10.72 11.51 -3.35
CAE 12M H . 9.72 12.48 -3.32
CAB 12M H . 8.35 12.20 -3.13
CAF 12M H . 7.33 13.34 -3.17
OAJ 12M H . 7.05 14.00 -1.94
S DMS I . 12.15 15.52 -0.12
O DMS I . 12.04 16.24 -1.42
C1 DMS I . 12.71 13.92 -0.38
C2 DMS I . 13.46 16.17 0.78
K K J . 7.34 -9.24 1.38
#